data_9IFP
#
_entry.id   9IFP
#
_cell.length_a   271.298
_cell.length_b   74.502
_cell.length_c   106.150
_cell.angle_alpha   90.00
_cell.angle_beta   111.80
_cell.angle_gamma   90.00
#
_symmetry.space_group_name_H-M   'C 1 2 1'
#
loop_
_entity.id
_entity.type
_entity.pdbx_description
1 polymer 'Heme-thiolate peroxidase'
2 branched alpha-D-mannopyranose-(1-3)-[alpha-D-mannopyranose-(1-6)]beta-D-mannopyranose-(1-4)-2-acetamido-2-deoxy-beta-D-glucopyranose-(1-4)-2-acetamido-2-deoxy-beta-D-glucopyranose
3 branched alpha-D-mannopyranose-(1-3)-[alpha-D-mannopyranose-(1-6)]alpha-D-mannopyranose-(1-6)-[alpha-D-mannopyranose-(1-3)]beta-D-mannopyranose-(1-4)-2-acetamido-2-deoxy-beta-D-glucopyranose-(1-4)-2-acetamido-2-deoxy-beta-D-glucopyranose
4 non-polymer 'PROTOPORPHYRIN IX CONTAINING FE'
5 non-polymer '4-(2-HYDROXYETHYL)-1-PIPERAZINE ETHANESULFONIC ACID'
6 non-polymer GLYCEROL
7 non-polymer 2,6-dimethoxyphenol
8 non-polymer 'SULFATE ION'
9 non-polymer 'MAGNESIUM ION'
10 non-polymer 2-acetamido-2-deoxy-beta-D-glucopyranose
11 non-polymer beta-D-mannopyranose
12 non-polymer alpha-D-mannopyranose
13 water water
#
_entity_poly.entity_id   1
_entity_poly.type   'polypeptide(L)'
_entity_poly.pdbx_seq_one_letter_code
;QGVDPPPPPGPPSFTGTKLVNDADHPWQPLREGDIRGPCPGLNTLASHGYLPRDGVATPAQIITATQEGFNFENNAAIVA
TYLGHLLNGNLVTDLLSIGGATPKTGPPPPPPAHAGGLNVHGTFEGDAGMTRADEFFGDNHSFNQTLFDKFVDFSNRYGG
GFYNLTVAGELRYSRIQDSIATNPEFQFKNVRFITAYGETVFPINLFVDGRVTTDRKLSMEDAASIFRDMRFPDDFHRSA
VPASNEGADQVLAAHPWVPGGNADNQVNNYVEDPDSADFTHLCRLYEFVVGSVQELYPNPTGILRRNLIKNLHYWWTGVN
VAFGGCDELFPYGQL
;
_entity_poly.pdbx_strand_id   A,B,C
#
# COMPACT_ATOMS: atom_id res chain seq x y z
N GLN A 1 -1.79 -51.69 -8.13
CA GLN A 1 -3.01 -50.99 -8.60
C GLN A 1 -2.63 -49.66 -9.26
N GLY A 2 -3.64 -48.86 -9.60
CA GLY A 2 -3.45 -47.53 -10.18
C GLY A 2 -4.69 -47.09 -10.96
N VAL A 3 -4.54 -46.06 -11.78
CA VAL A 3 -5.65 -45.48 -12.53
C VAL A 3 -5.42 -45.69 -14.02
N ASP A 4 -6.51 -45.78 -14.79
CA ASP A 4 -6.43 -45.79 -16.24
C ASP A 4 -6.70 -44.36 -16.73
N PRO A 5 -5.70 -43.61 -17.26
CA PRO A 5 -5.87 -42.19 -17.56
C PRO A 5 -6.71 -41.93 -18.82
N PRO A 6 -7.79 -41.14 -18.74
CA PRO A 6 -8.66 -40.86 -19.88
C PRO A 6 -7.95 -39.92 -20.85
N PRO A 7 -8.34 -39.87 -22.14
CA PRO A 7 -7.80 -38.86 -23.04
C PRO A 7 -8.22 -37.46 -22.56
N PRO A 8 -7.50 -36.40 -22.93
CA PRO A 8 -7.83 -35.06 -22.44
C PRO A 8 -9.21 -34.59 -22.89
N PRO A 9 -9.87 -33.74 -22.08
CA PRO A 9 -11.08 -33.05 -22.50
C PRO A 9 -10.81 -32.26 -23.78
N GLY A 10 -11.85 -32.06 -24.58
CA GLY A 10 -11.80 -31.15 -25.71
C GLY A 10 -12.15 -29.74 -25.27
N PRO A 11 -12.28 -28.80 -26.23
CA PRO A 11 -12.66 -27.42 -25.92
C PRO A 11 -14.00 -27.39 -25.20
N PRO A 12 -14.30 -26.35 -24.40
CA PRO A 12 -15.60 -26.26 -23.76
C PRO A 12 -16.71 -26.01 -24.80
N SER A 13 -17.90 -26.52 -24.51
CA SER A 13 -19.08 -26.33 -25.35
CA SER A 13 -19.09 -26.34 -25.33
C SER A 13 -19.37 -24.85 -25.54
N PHE A 14 -19.24 -24.07 -24.46
CA PHE A 14 -19.43 -22.62 -24.50
C PHE A 14 -18.07 -21.95 -24.38
N THR A 15 -17.72 -21.09 -25.36
CA THR A 15 -16.41 -20.46 -25.43
C THR A 15 -16.50 -18.95 -25.31
N GLY A 16 -17.66 -18.40 -24.91
CA GLY A 16 -17.82 -16.96 -24.75
C GLY A 16 -17.33 -16.50 -23.38
N THR A 17 -17.44 -15.19 -23.11
CA THR A 17 -17.14 -14.67 -21.79
C THR A 17 -18.23 -15.13 -20.81
N LYS A 18 -17.88 -15.14 -19.53
CA LYS A 18 -18.82 -15.39 -18.46
C LYS A 18 -18.15 -14.97 -17.15
N LEU A 19 -18.97 -14.77 -16.12
CA LEU A 19 -18.47 -14.51 -14.78
C LEU A 19 -17.83 -15.79 -14.27
N VAL A 20 -16.55 -15.72 -13.85
CA VAL A 20 -15.88 -16.90 -13.31
C VAL A 20 -15.64 -16.74 -11.82
N ASN A 21 -15.56 -15.50 -11.34
CA ASN A 21 -15.51 -15.25 -9.90
C ASN A 21 -16.92 -15.20 -9.36
N ASP A 22 -17.53 -16.36 -9.20
CA ASP A 22 -18.97 -16.46 -8.91
C ASP A 22 -19.16 -17.15 -7.58
N ALA A 23 -20.43 -17.30 -7.18
CA ALA A 23 -20.77 -17.73 -5.85
C ALA A 23 -20.28 -19.16 -5.60
N ASP A 24 -20.25 -19.97 -6.65
CA ASP A 24 -19.86 -21.36 -6.53
C ASP A 24 -18.34 -21.51 -6.45
N HIS A 25 -17.59 -20.45 -6.80
CA HIS A 25 -16.13 -20.50 -6.84
C HIS A 25 -15.54 -19.37 -5.99
N PRO A 26 -15.81 -19.32 -4.66
CA PRO A 26 -15.31 -18.24 -3.82
C PRO A 26 -13.83 -18.42 -3.51
N TRP A 27 -13.10 -17.30 -3.44
CA TRP A 27 -11.76 -17.36 -2.88
C TRP A 27 -11.83 -17.87 -1.44
N GLN A 28 -10.89 -18.75 -1.08
CA GLN A 28 -10.76 -19.22 0.29
C GLN A 28 -9.28 -19.31 0.66
N PRO A 29 -8.95 -19.05 1.95
CA PRO A 29 -7.57 -19.11 2.40
C PRO A 29 -7.04 -20.55 2.38
N LEU A 30 -5.72 -20.66 2.39
CA LEU A 30 -5.05 -21.95 2.39
C LEU A 30 -5.33 -22.67 3.71
N ARG A 31 -5.56 -23.98 3.63
CA ARG A 31 -5.57 -24.84 4.80
C ARG A 31 -4.26 -25.63 4.85
N GLU A 32 -4.03 -26.30 5.97
CA GLU A 32 -2.83 -27.09 6.15
C GLU A 32 -2.76 -28.18 5.08
N GLY A 33 -1.60 -28.32 4.44
CA GLY A 33 -1.41 -29.33 3.41
C GLY A 33 -1.73 -28.82 1.99
N ASP A 34 -2.39 -27.67 1.87
CA ASP A 34 -2.76 -27.15 0.54
C ASP A 34 -1.49 -26.73 -0.19
N ILE A 35 -1.40 -27.06 -1.48
CA ILE A 35 -0.20 -26.83 -2.27
C ILE A 35 -0.45 -25.69 -3.27
N ARG A 36 0.53 -24.79 -3.36
CA ARG A 36 0.54 -23.74 -4.37
C ARG A 36 1.97 -23.68 -4.90
N GLY A 37 2.16 -23.08 -6.08
CA GLY A 37 3.43 -23.16 -6.76
C GLY A 37 3.73 -21.93 -7.62
N PRO A 38 4.50 -22.12 -8.71
CA PRO A 38 5.00 -20.98 -9.50
C PRO A 38 4.03 -20.42 -10.52
N CYS A 39 2.88 -21.10 -10.69
CA CYS A 39 1.91 -20.67 -11.70
C CYS A 39 0.75 -19.91 -11.06
N PRO A 40 0.61 -18.60 -11.35
CA PRO A 40 -0.50 -17.81 -10.82
C PRO A 40 -1.86 -18.22 -11.37
N GLY A 41 -1.90 -18.77 -12.58
CA GLY A 41 -3.14 -19.26 -13.17
C GLY A 41 -3.68 -20.45 -12.36
N LEU A 42 -2.87 -21.49 -12.20
CA LEU A 42 -3.27 -22.67 -11.47
C LEU A 42 -3.52 -22.33 -9.99
N ASN A 43 -2.67 -21.45 -9.43
CA ASN A 43 -2.84 -21.03 -8.05
C ASN A 43 -4.22 -20.40 -7.84
N THR A 44 -4.62 -19.49 -8.73
CA THR A 44 -5.90 -18.82 -8.59
C THR A 44 -7.05 -19.82 -8.77
N LEU A 45 -6.91 -20.74 -9.72
CA LEU A 45 -7.95 -21.74 -9.97
C LEU A 45 -8.13 -22.62 -8.72
N ALA A 46 -7.03 -22.96 -8.03
CA ALA A 46 -7.14 -23.78 -6.84
C ALA A 46 -7.77 -22.98 -5.71
N SER A 47 -7.38 -21.71 -5.55
CA SER A 47 -7.88 -20.93 -4.43
C SER A 47 -9.34 -20.50 -4.62
N HIS A 48 -9.90 -20.67 -5.84
CA HIS A 48 -11.32 -20.45 -6.10
C HIS A 48 -12.11 -21.74 -6.30
N GLY A 49 -11.47 -22.90 -6.13
CA GLY A 49 -12.17 -24.19 -6.21
C GLY A 49 -12.48 -24.64 -7.64
N TYR A 50 -11.92 -24.02 -8.67
CA TYR A 50 -11.93 -24.58 -10.03
C TYR A 50 -11.10 -25.87 -10.10
N LEU A 51 -9.98 -25.89 -9.36
CA LEU A 51 -9.20 -27.09 -9.10
C LEU A 51 -9.48 -27.51 -7.66
N PRO A 52 -9.14 -28.77 -7.27
CA PRO A 52 -9.14 -29.12 -5.86
C PRO A 52 -8.32 -28.09 -5.09
N ARG A 53 -8.85 -27.66 -3.94
CA ARG A 53 -8.29 -26.55 -3.20
C ARG A 53 -6.92 -26.92 -2.62
N ASP A 54 -6.61 -28.21 -2.56
CA ASP A 54 -5.33 -28.66 -2.06
C ASP A 54 -4.24 -28.58 -3.12
N GLY A 55 -4.58 -28.19 -4.35
CA GLY A 55 -3.57 -27.95 -5.36
C GLY A 55 -2.99 -29.23 -5.97
N VAL A 56 -3.70 -30.36 -5.82
CA VAL A 56 -3.33 -31.62 -6.46
C VAL A 56 -4.49 -32.05 -7.33
N ALA A 57 -4.22 -32.36 -8.61
CA ALA A 57 -5.29 -32.62 -9.56
C ALA A 57 -4.84 -33.58 -10.65
N THR A 58 -5.83 -34.12 -11.38
CA THR A 58 -5.56 -34.92 -12.57
C THR A 58 -5.28 -33.98 -13.73
N PRO A 59 -4.57 -34.45 -14.78
CA PRO A 59 -4.45 -33.70 -16.01
C PRO A 59 -5.79 -33.20 -16.56
N ALA A 60 -6.80 -34.09 -16.55
CA ALA A 60 -8.12 -33.74 -17.03
C ALA A 60 -8.71 -32.59 -16.23
N GLN A 61 -8.61 -32.63 -14.90
CA GLN A 61 -9.10 -31.56 -14.06
C GLN A 61 -8.39 -30.24 -14.36
N ILE A 62 -7.08 -30.29 -14.63
CA ILE A 62 -6.31 -29.08 -14.91
C ILE A 62 -6.77 -28.48 -16.22
N ILE A 63 -6.95 -29.33 -17.24
CA ILE A 63 -7.34 -28.83 -18.55
C ILE A 63 -8.71 -28.15 -18.44
N THR A 64 -9.67 -28.83 -17.79
CA THR A 64 -11.01 -28.30 -17.69
CA THR A 64 -11.02 -28.30 -17.68
C THR A 64 -11.00 -27.00 -16.88
N ALA A 65 -10.21 -26.95 -15.80
CA ALA A 65 -10.15 -25.76 -14.94
C ALA A 65 -9.60 -24.55 -15.69
N THR A 66 -8.53 -24.75 -16.50
CA THR A 66 -7.94 -23.64 -17.24
C THR A 66 -8.92 -23.13 -18.29
N GLN A 67 -9.69 -24.03 -18.89
CA GLN A 67 -10.72 -23.68 -19.86
C GLN A 67 -11.89 -22.95 -19.16
N GLU A 68 -12.42 -23.54 -18.09
CA GLU A 68 -13.61 -23.02 -17.42
C GLU A 68 -13.30 -21.66 -16.80
N GLY A 69 -12.12 -21.53 -16.19
CA GLY A 69 -11.78 -20.37 -15.38
C GLY A 69 -11.22 -19.22 -16.20
N PHE A 70 -10.46 -19.52 -17.27
CA PHE A 70 -9.74 -18.49 -17.99
C PHE A 70 -9.95 -18.53 -19.51
N ASN A 71 -10.66 -19.55 -20.01
CA ASN A 71 -10.78 -19.78 -21.44
C ASN A 71 -9.40 -20.03 -22.07
N PHE A 72 -8.51 -20.70 -21.33
CA PHE A 72 -7.26 -21.15 -21.93
C PHE A 72 -7.59 -22.08 -23.10
N GLU A 73 -6.94 -21.87 -24.24
CA GLU A 73 -7.25 -22.64 -25.43
C GLU A 73 -6.85 -24.10 -25.24
N ASN A 74 -7.70 -25.00 -25.76
CA ASN A 74 -7.63 -26.43 -25.50
C ASN A 74 -6.24 -27.01 -25.81
N ASN A 75 -5.69 -26.72 -27.00
CA ASN A 75 -4.40 -27.28 -27.41
CA ASN A 75 -4.40 -27.30 -27.38
C ASN A 75 -3.29 -26.76 -26.49
N ALA A 76 -3.33 -25.46 -26.16
CA ALA A 76 -2.34 -24.90 -25.26
C ALA A 76 -2.43 -25.59 -23.89
N ALA A 77 -3.67 -25.88 -23.44
CA ALA A 77 -3.87 -26.55 -22.16
C ALA A 77 -3.28 -27.96 -22.20
N ILE A 78 -3.46 -28.65 -23.32
CA ILE A 78 -2.98 -30.03 -23.45
C ILE A 78 -1.45 -30.03 -23.45
N VAL A 79 -0.85 -29.11 -24.21
CA VAL A 79 0.59 -29.03 -24.31
C VAL A 79 1.21 -28.76 -22.94
N ALA A 80 0.66 -27.78 -22.20
CA ALA A 80 1.22 -27.42 -20.90
C ALA A 80 0.99 -28.52 -19.88
N THR A 81 -0.21 -29.12 -19.87
CA THR A 81 -0.59 -30.00 -18.78
C THR A 81 0.20 -31.31 -18.83
N TYR A 82 0.28 -31.92 -20.01
CA TYR A 82 0.95 -33.22 -20.10
C TYR A 82 2.47 -33.03 -20.04
N LEU A 83 2.99 -31.86 -20.45
CA LEU A 83 4.39 -31.53 -20.22
C LEU A 83 4.66 -31.59 -18.72
N GLY A 84 3.88 -30.84 -17.96
CA GLY A 84 4.03 -30.81 -16.51
C GLY A 84 3.80 -32.19 -15.90
N HIS A 85 2.83 -32.95 -16.41
CA HIS A 85 2.50 -34.23 -15.80
C HIS A 85 3.59 -35.27 -16.09
N LEU A 86 4.04 -35.36 -17.34
CA LEU A 86 5.06 -36.33 -17.72
C LEU A 86 6.32 -36.15 -16.87
N LEU A 87 6.76 -34.90 -16.70
CA LEU A 87 8.01 -34.60 -15.99
C LEU A 87 7.83 -34.59 -14.46
N ASN A 88 6.66 -34.15 -13.97
CA ASN A 88 6.52 -33.75 -12.58
C ASN A 88 5.34 -34.40 -11.85
N GLY A 89 4.54 -35.19 -12.57
CA GLY A 89 3.38 -35.83 -11.97
C GLY A 89 3.60 -37.31 -11.67
N ASN A 90 2.61 -37.90 -11.02
CA ASN A 90 2.57 -39.32 -10.75
C ASN A 90 1.70 -40.00 -11.81
N LEU A 91 2.32 -40.77 -12.68
CA LEU A 91 1.66 -41.33 -13.85
C LEU A 91 0.75 -42.49 -13.46
N VAL A 92 1.02 -43.13 -12.32
CA VAL A 92 0.23 -44.25 -11.86
C VAL A 92 -1.07 -43.79 -11.21
N THR A 93 -0.98 -42.77 -10.33
CA THR A 93 -2.17 -42.25 -9.67
C THR A 93 -2.87 -41.20 -10.55
N ASP A 94 -2.20 -40.71 -11.60
CA ASP A 94 -2.72 -39.68 -12.47
C ASP A 94 -2.92 -38.35 -11.72
N LEU A 95 -1.98 -38.02 -10.82
CA LEU A 95 -2.09 -36.81 -10.02
C LEU A 95 -0.82 -35.97 -10.19
N LEU A 96 -1.02 -34.65 -10.28
CA LEU A 96 0.05 -33.69 -10.41
C LEU A 96 -0.13 -32.60 -9.34
N SER A 97 0.95 -32.34 -8.60
CA SER A 97 1.05 -31.21 -7.68
C SER A 97 1.35 -29.94 -8.45
N ILE A 98 0.60 -28.86 -8.19
CA ILE A 98 0.85 -27.60 -8.88
C ILE A 98 2.01 -26.86 -8.21
N GLY A 99 2.56 -27.43 -7.12
CA GLY A 99 3.70 -26.85 -6.42
C GLY A 99 4.79 -27.87 -6.16
N GLY A 100 5.06 -28.12 -4.88
CA GLY A 100 6.15 -28.99 -4.44
C GLY A 100 5.64 -30.39 -4.09
N ALA A 101 6.53 -31.16 -3.46
CA ALA A 101 6.28 -32.55 -3.14
C ALA A 101 5.19 -32.66 -2.07
N THR A 102 4.38 -33.70 -2.18
CA THR A 102 3.29 -33.92 -1.25
C THR A 102 2.90 -35.39 -1.30
N PRO A 103 2.56 -36.01 -0.15
CA PRO A 103 2.00 -37.36 -0.15
C PRO A 103 0.68 -37.50 -0.92
N LYS A 104 0.00 -36.37 -1.15
CA LYS A 104 -1.29 -36.37 -1.83
C LYS A 104 -1.20 -36.92 -3.27
N THR A 105 0.01 -36.97 -3.88
CA THR A 105 0.10 -37.52 -5.24
C THR A 105 0.22 -39.04 -5.19
N GLY A 106 0.39 -39.59 -3.98
CA GLY A 106 0.36 -41.03 -3.77
C GLY A 106 1.75 -41.66 -3.69
N PRO A 107 1.85 -43.01 -3.70
CA PRO A 107 3.13 -43.71 -3.64
C PRO A 107 4.14 -43.19 -4.65
N PRO A 108 5.39 -42.87 -4.24
CA PRO A 108 6.36 -42.24 -5.13
C PRO A 108 6.71 -43.16 -6.29
N PRO A 109 7.01 -42.59 -7.48
CA PRO A 109 7.45 -43.39 -8.62
C PRO A 109 8.88 -43.88 -8.39
N PRO A 110 9.37 -44.86 -9.16
CA PRO A 110 10.78 -45.29 -9.03
C PRO A 110 11.73 -44.16 -9.43
N PRO A 111 12.76 -43.84 -8.61
CA PRO A 111 13.76 -42.85 -9.01
C PRO A 111 14.42 -43.29 -10.31
N PRO A 112 14.94 -42.37 -11.15
CA PRO A 112 15.00 -40.95 -10.83
C PRO A 112 13.74 -40.12 -11.03
N ALA A 113 12.61 -40.73 -11.44
CA ALA A 113 11.34 -40.02 -11.44
C ALA A 113 10.97 -39.65 -10.02
N HIS A 114 10.15 -38.59 -9.86
CA HIS A 114 9.99 -37.94 -8.56
C HIS A 114 8.54 -37.53 -8.27
N ALA A 115 7.75 -37.16 -9.30
CA ALA A 115 6.42 -36.61 -9.08
C ALA A 115 6.48 -35.45 -8.08
N GLY A 116 7.52 -34.61 -8.23
CA GLY A 116 7.85 -33.57 -7.27
C GLY A 116 7.07 -32.28 -7.51
N GLY A 117 6.27 -32.23 -8.59
CA GLY A 117 5.39 -31.10 -8.83
C GLY A 117 6.04 -30.04 -9.70
N LEU A 118 5.24 -29.02 -10.03
CA LEU A 118 5.67 -27.96 -10.92
C LEU A 118 6.83 -27.14 -10.37
N ASN A 119 7.09 -27.20 -9.05
CA ASN A 119 8.23 -26.49 -8.47
C ASN A 119 9.57 -27.06 -8.93
N VAL A 120 9.63 -28.29 -9.46
CA VAL A 120 10.90 -28.91 -9.83
C VAL A 120 11.59 -28.11 -10.94
N HIS A 121 12.83 -27.69 -10.68
CA HIS A 121 13.57 -26.78 -11.54
C HIS A 121 14.35 -27.52 -12.63
N GLY A 122 14.44 -26.95 -13.83
CA GLY A 122 15.54 -27.28 -14.73
C GLY A 122 15.14 -27.95 -16.05
N THR A 123 13.96 -28.58 -16.11
CA THR A 123 13.46 -29.13 -17.37
C THR A 123 12.18 -28.39 -17.81
N PHE A 124 11.26 -28.11 -16.87
CA PHE A 124 10.11 -27.23 -17.14
C PHE A 124 10.34 -25.87 -16.47
N GLU A 125 9.99 -25.72 -15.18
CA GLU A 125 10.22 -24.48 -14.45
C GLU A 125 11.66 -23.99 -14.69
N GLY A 126 11.82 -22.70 -14.94
CA GLY A 126 13.14 -22.14 -15.20
C GLY A 126 13.20 -20.65 -14.90
N ASP A 127 14.25 -20.00 -15.43
CA ASP A 127 14.72 -18.73 -14.90
C ASP A 127 14.07 -17.53 -15.60
N ALA A 128 14.27 -16.36 -15.01
CA ALA A 128 13.83 -15.07 -15.56
C ALA A 128 12.30 -14.94 -15.60
N GLY A 129 11.63 -15.49 -14.58
CA GLY A 129 10.19 -15.26 -14.44
C GLY A 129 9.87 -13.81 -14.05
N MET A 130 8.58 -13.44 -14.12
CA MET A 130 8.12 -12.09 -13.87
C MET A 130 7.96 -11.80 -12.37
N THR A 131 7.32 -12.68 -11.60
CA THR A 131 7.09 -12.43 -10.17
C THR A 131 7.72 -13.49 -9.28
N ARG A 132 8.42 -14.48 -9.87
CA ARG A 132 9.16 -15.48 -9.12
C ARG A 132 10.64 -15.35 -9.45
N ALA A 133 11.51 -15.57 -8.46
CA ALA A 133 12.95 -15.47 -8.60
C ALA A 133 13.53 -16.80 -9.06
N ASP A 134 14.73 -16.76 -9.66
CA ASP A 134 15.42 -17.94 -10.14
C ASP A 134 15.72 -18.88 -8.99
N GLU A 135 15.72 -20.19 -9.29
CA GLU A 135 15.94 -21.22 -8.30
C GLU A 135 17.29 -21.04 -7.59
N PHE A 136 18.29 -20.54 -8.32
CA PHE A 136 19.60 -20.31 -7.74
C PHE A 136 19.53 -19.49 -6.46
N PHE A 137 18.60 -18.53 -6.34
CA PHE A 137 18.53 -17.65 -5.18
C PHE A 137 17.74 -18.28 -4.03
N GLY A 138 17.19 -19.50 -4.22
CA GLY A 138 16.70 -20.28 -3.10
C GLY A 138 15.19 -20.51 -3.08
N ASP A 139 14.41 -19.80 -3.91
CA ASP A 139 12.96 -19.96 -3.89
C ASP A 139 12.36 -19.62 -5.25
N ASN A 140 11.97 -20.66 -6.00
CA ASN A 140 11.52 -20.48 -7.38
C ASN A 140 9.99 -20.43 -7.47
N HIS A 141 9.28 -20.39 -6.34
CA HIS A 141 7.85 -20.64 -6.33
C HIS A 141 7.05 -19.50 -5.68
N SER A 142 7.59 -18.88 -4.63
CA SER A 142 6.89 -17.83 -3.91
C SER A 142 6.81 -16.56 -4.74
N PHE A 143 5.72 -15.82 -4.54
CA PHE A 143 5.66 -14.44 -5.03
C PHE A 143 6.81 -13.64 -4.43
N ASN A 144 7.41 -12.77 -5.25
CA ASN A 144 8.56 -11.96 -4.87
C ASN A 144 8.24 -10.49 -5.10
N GLN A 145 8.11 -9.72 -4.01
CA GLN A 145 7.65 -8.35 -4.05
C GLN A 145 8.61 -7.45 -4.86
N THR A 146 9.92 -7.67 -4.72
CA THR A 146 10.91 -6.91 -5.47
C THR A 146 10.66 -7.05 -6.97
N LEU A 147 10.44 -8.28 -7.44
CA LEU A 147 10.19 -8.52 -8.85
C LEU A 147 8.87 -7.88 -9.26
N PHE A 148 7.88 -7.93 -8.37
CA PHE A 148 6.59 -7.31 -8.68
C PHE A 148 6.76 -5.79 -8.78
N ASP A 149 7.60 -5.20 -7.92
CA ASP A 149 7.90 -3.77 -8.00
C ASP A 149 8.50 -3.43 -9.37
N LYS A 150 9.35 -4.29 -9.93
CA LYS A 150 9.90 -4.10 -11.27
C LYS A 150 8.79 -4.18 -12.32
N PHE A 151 7.90 -5.17 -12.18
CA PHE A 151 6.73 -5.28 -13.04
C PHE A 151 5.96 -3.96 -13.07
N VAL A 152 5.71 -3.41 -11.87
CA VAL A 152 5.03 -2.12 -11.75
C VAL A 152 5.86 -1.02 -12.44
N ASP A 153 7.15 -1.00 -12.18
CA ASP A 153 8.03 0.03 -12.74
C ASP A 153 7.96 0.00 -14.26
N PHE A 154 8.09 -1.20 -14.85
CA PHE A 154 8.07 -1.33 -16.29
C PHE A 154 6.70 -0.97 -16.84
N SER A 155 5.63 -1.27 -16.10
CA SER A 155 4.29 -0.88 -16.52
C SER A 155 4.15 0.65 -16.51
N ASN A 156 4.75 1.32 -15.53
CA ASN A 156 4.74 2.78 -15.48
C ASN A 156 5.54 3.35 -16.65
N ARG A 157 6.70 2.73 -16.94
CA ARG A 157 7.64 3.26 -17.92
C ARG A 157 7.16 3.06 -19.36
N TYR A 158 6.46 1.96 -19.65
CA TYR A 158 6.16 1.59 -21.03
C TYR A 158 4.67 1.39 -21.30
N GLY A 159 3.83 1.32 -20.25
CA GLY A 159 2.43 0.98 -20.44
C GLY A 159 1.45 1.96 -19.80
N GLY A 160 1.89 3.18 -19.51
CA GLY A 160 1.00 4.17 -18.94
C GLY A 160 0.48 3.79 -17.55
N GLY A 161 1.21 2.92 -16.83
CA GLY A 161 0.80 2.43 -15.53
C GLY A 161 0.06 1.08 -15.60
N PHE A 162 -0.05 0.52 -16.81
CA PHE A 162 -0.70 -0.76 -17.02
C PHE A 162 0.26 -1.72 -17.72
N TYR A 163 -0.01 -3.02 -17.58
CA TYR A 163 0.77 -4.04 -18.26
C TYR A 163 0.12 -4.31 -19.62
N ASN A 164 0.89 -4.06 -20.68
CA ASN A 164 0.44 -4.35 -22.04
C ASN A 164 1.60 -4.96 -22.83
N LEU A 165 1.38 -5.19 -24.14
CA LEU A 165 2.34 -5.93 -24.95
C LEU A 165 3.70 -5.23 -25.02
N THR A 166 3.69 -3.88 -25.04
CA THR A 166 4.94 -3.12 -25.07
C THR A 166 5.72 -3.41 -23.78
N VAL A 167 5.02 -3.40 -22.65
CA VAL A 167 5.65 -3.66 -21.37
C VAL A 167 6.25 -5.06 -21.37
N ALA A 168 5.48 -6.04 -21.85
CA ALA A 168 5.92 -7.43 -21.92
C ALA A 168 7.25 -7.53 -22.67
N GLY A 169 7.37 -6.88 -23.82
CA GLY A 169 8.61 -6.91 -24.57
C GLY A 169 9.81 -6.42 -23.74
N GLU A 170 9.62 -5.27 -23.07
CA GLU A 170 10.71 -4.65 -22.33
C GLU A 170 11.04 -5.49 -21.09
N LEU A 171 10.01 -5.98 -20.39
CA LEU A 171 10.23 -6.68 -19.13
C LEU A 171 10.92 -8.01 -19.38
N ARG A 172 10.49 -8.74 -20.41
CA ARG A 172 11.07 -10.04 -20.72
C ARG A 172 12.58 -9.92 -20.87
N TYR A 173 13.03 -8.94 -21.66
CA TYR A 173 14.46 -8.77 -21.96
C TYR A 173 15.20 -8.38 -20.69
N SER A 174 14.66 -7.41 -19.95
CA SER A 174 15.31 -6.91 -18.76
C SER A 174 15.46 -8.02 -17.73
N ARG A 175 14.46 -8.90 -17.62
CA ARG A 175 14.55 -10.04 -16.71
C ARG A 175 15.65 -11.00 -17.15
N ILE A 176 15.79 -11.24 -18.46
CA ILE A 176 16.90 -12.02 -18.96
C ILE A 176 18.23 -11.40 -18.50
N GLN A 177 18.36 -10.09 -18.71
CA GLN A 177 19.57 -9.37 -18.32
C GLN A 177 19.85 -9.48 -16.82
N ASP A 178 18.82 -9.36 -15.97
CA ASP A 178 19.00 -9.53 -14.53
C ASP A 178 19.64 -10.87 -14.22
N SER A 179 19.11 -11.94 -14.82
CA SER A 179 19.60 -13.29 -14.55
C SER A 179 21.02 -13.48 -15.09
N ILE A 180 21.34 -12.90 -16.27
CA ILE A 180 22.71 -12.99 -16.79
C ILE A 180 23.69 -12.40 -15.78
N ALA A 181 23.33 -11.21 -15.26
CA ALA A 181 24.20 -10.44 -14.39
C ALA A 181 24.32 -11.04 -12.99
N THR A 182 23.35 -11.82 -12.52
CA THR A 182 23.32 -12.15 -11.09
C THR A 182 23.29 -13.67 -10.84
N ASN A 183 23.02 -14.48 -11.85
CA ASN A 183 22.79 -15.90 -11.63
C ASN A 183 23.78 -16.70 -12.46
N PRO A 184 24.83 -17.28 -11.82
CA PRO A 184 25.85 -18.01 -12.58
C PRO A 184 25.37 -19.36 -13.13
N GLU A 185 24.21 -19.83 -12.65
CA GLU A 185 23.59 -21.07 -13.15
C GLU A 185 22.46 -20.77 -14.12
N PHE A 186 22.31 -19.51 -14.55
CA PHE A 186 21.24 -19.09 -15.44
C PHE A 186 21.22 -19.95 -16.70
N GLN A 187 20.03 -20.55 -16.96
CA GLN A 187 19.74 -21.32 -18.15
C GLN A 187 18.51 -20.73 -18.82
N PHE A 188 18.54 -20.61 -20.15
CA PHE A 188 17.43 -20.10 -20.92
C PHE A 188 17.36 -20.78 -22.28
N LYS A 189 17.06 -22.07 -22.24
CA LYS A 189 17.06 -22.90 -23.44
C LYS A 189 15.96 -23.96 -23.36
N ASN A 190 15.78 -24.69 -24.48
CA ASN A 190 14.84 -25.79 -24.56
C ASN A 190 13.47 -25.34 -24.04
N VAL A 191 12.89 -26.05 -23.07
CA VAL A 191 11.51 -25.77 -22.70
C VAL A 191 11.39 -24.31 -22.27
N ARG A 192 12.33 -23.85 -21.43
CA ARG A 192 12.21 -22.55 -20.80
C ARG A 192 12.21 -21.44 -21.86
N PHE A 193 13.05 -21.58 -22.88
CA PHE A 193 13.17 -20.55 -23.88
C PHE A 193 11.81 -20.34 -24.53
N ILE A 194 11.07 -21.42 -24.74
CA ILE A 194 9.77 -21.32 -25.39
C ILE A 194 8.72 -20.77 -24.41
N THR A 195 8.68 -21.32 -23.19
CA THR A 195 7.61 -20.98 -22.27
C THR A 195 7.76 -19.55 -21.76
N ALA A 196 8.99 -19.02 -21.78
CA ALA A 196 9.25 -17.73 -21.17
C ALA A 196 8.63 -16.57 -21.96
N TYR A 197 8.29 -16.79 -23.25
CA TYR A 197 7.67 -15.75 -24.06
C TYR A 197 6.15 -15.82 -23.87
N GLY A 198 5.58 -17.02 -23.99
CA GLY A 198 4.14 -17.18 -23.76
C GLY A 198 3.70 -16.64 -22.39
N GLU A 199 4.49 -16.91 -21.35
CA GLU A 199 4.10 -16.51 -19.99
C GLU A 199 3.91 -15.00 -19.88
N THR A 200 4.62 -14.20 -20.70
CA THR A 200 4.59 -12.75 -20.54
C THR A 200 3.36 -12.17 -21.22
N VAL A 201 2.67 -12.95 -22.06
CA VAL A 201 1.45 -12.45 -22.69
C VAL A 201 0.20 -13.03 -22.03
N PHE A 202 0.32 -14.10 -21.25
CA PHE A 202 -0.85 -14.65 -20.59
C PHE A 202 -1.55 -13.57 -19.73
N PRO A 203 -0.84 -12.68 -19.02
CA PRO A 203 -1.52 -11.64 -18.24
C PRO A 203 -2.40 -10.71 -19.09
N ILE A 204 -1.98 -10.46 -20.33
CA ILE A 204 -2.73 -9.63 -21.27
C ILE A 204 -3.93 -10.40 -21.80
N ASN A 205 -3.70 -11.63 -22.27
CA ASN A 205 -4.72 -12.37 -22.98
C ASN A 205 -5.72 -13.00 -22.02
N LEU A 206 -5.31 -13.34 -20.79
CA LEU A 206 -6.13 -14.14 -19.90
C LEU A 206 -6.47 -13.45 -18.57
N PHE A 207 -5.62 -12.52 -18.10
CA PHE A 207 -5.88 -11.89 -16.81
C PHE A 207 -6.67 -10.59 -16.96
N VAL A 208 -6.70 -10.03 -18.17
CA VAL A 208 -7.54 -8.88 -18.46
C VAL A 208 -8.97 -9.38 -18.68
N ASP A 209 -9.92 -8.71 -18.02
CA ASP A 209 -11.33 -9.04 -18.10
C ASP A 209 -11.79 -9.17 -19.55
N GLY A 210 -12.59 -10.21 -19.83
CA GLY A 210 -13.00 -10.54 -21.19
C GLY A 210 -13.98 -9.54 -21.80
N ARG A 211 -14.58 -8.67 -20.97
CA ARG A 211 -15.45 -7.61 -21.48
C ARG A 211 -14.63 -6.46 -22.05
N VAL A 212 -13.31 -6.43 -21.82
CA VAL A 212 -12.46 -5.46 -22.47
C VAL A 212 -12.04 -6.00 -23.84
N THR A 213 -12.48 -5.35 -24.92
CA THR A 213 -12.23 -5.86 -26.28
C THR A 213 -11.13 -5.08 -27.00
N THR A 214 -10.87 -3.83 -26.59
CA THR A 214 -9.86 -3.01 -27.24
C THR A 214 -8.86 -2.48 -26.20
N ASP A 215 -7.59 -2.34 -26.59
CA ASP A 215 -6.57 -1.73 -25.73
C ASP A 215 -6.51 -2.57 -24.44
N ARG A 216 -6.27 -3.87 -24.60
CA ARG A 216 -6.28 -4.79 -23.47
C ARG A 216 -5.02 -4.53 -22.65
N LYS A 217 -5.20 -4.29 -21.36
CA LYS A 217 -4.09 -3.92 -20.49
C LYS A 217 -4.49 -4.27 -19.07
N LEU A 218 -3.53 -4.69 -18.26
CA LEU A 218 -3.81 -5.19 -16.92
C LEU A 218 -3.42 -4.15 -15.88
N SER A 219 -4.35 -3.83 -14.98
CA SER A 219 -4.09 -2.90 -13.89
C SER A 219 -3.17 -3.57 -12.87
N MET A 220 -2.42 -2.76 -12.11
CA MET A 220 -1.52 -3.30 -11.10
C MET A 220 -2.31 -3.93 -9.95
N GLU A 221 -3.52 -3.44 -9.70
CA GLU A 221 -4.38 -4.00 -8.67
C GLU A 221 -4.78 -5.44 -9.04
N ASP A 222 -5.20 -5.63 -10.29
CA ASP A 222 -5.61 -6.94 -10.77
C ASP A 222 -4.40 -7.87 -10.82
N ALA A 223 -3.26 -7.34 -11.29
CA ALA A 223 -2.04 -8.12 -11.31
C ALA A 223 -1.69 -8.60 -9.91
N ALA A 224 -1.72 -7.72 -8.90
CA ALA A 224 -1.35 -8.10 -7.55
C ALA A 224 -2.33 -9.16 -7.04
N SER A 225 -3.61 -8.94 -7.33
CA SER A 225 -4.63 -9.86 -6.86
C SER A 225 -4.34 -11.30 -7.33
N ILE A 226 -3.96 -11.46 -8.60
CA ILE A 226 -3.72 -12.79 -9.16
C ILE A 226 -2.32 -13.31 -8.79
N PHE A 227 -1.29 -12.52 -9.06
CA PHE A 227 0.10 -12.96 -8.90
C PHE A 227 0.45 -13.15 -7.42
N ARG A 228 -0.04 -12.26 -6.55
CA ARG A 228 0.27 -12.35 -5.14
C ARG A 228 -0.78 -13.15 -4.38
N ASP A 229 -2.07 -12.77 -4.48
CA ASP A 229 -3.07 -13.32 -3.58
C ASP A 229 -3.80 -14.54 -4.14
N MET A 230 -3.58 -14.89 -5.41
CA MET A 230 -4.24 -16.04 -6.03
C MET A 230 -5.76 -15.82 -6.04
N ARG A 231 -6.18 -14.58 -6.32
CA ARG A 231 -7.57 -14.18 -6.26
CA ARG A 231 -7.57 -14.18 -6.26
C ARG A 231 -7.98 -13.48 -7.55
N PHE A 232 -9.09 -13.94 -8.14
CA PHE A 232 -9.67 -13.25 -9.28
C PHE A 232 -10.04 -11.84 -8.86
N PRO A 233 -9.88 -10.84 -9.73
CA PRO A 233 -10.55 -9.55 -9.53
C PRO A 233 -12.03 -9.76 -9.24
N ASP A 234 -12.62 -8.83 -8.47
CA ASP A 234 -14.05 -8.80 -8.27
C ASP A 234 -14.76 -8.82 -9.62
N ASP A 235 -15.80 -9.65 -9.73
CA ASP A 235 -16.65 -9.68 -10.92
C ASP A 235 -15.88 -10.10 -12.17
N PHE A 236 -14.78 -10.84 -12.03
CA PHE A 236 -13.93 -11.17 -13.15
C PHE A 236 -14.67 -12.02 -14.18
N HIS A 237 -14.62 -11.56 -15.44
CA HIS A 237 -15.13 -12.32 -16.58
C HIS A 237 -13.94 -12.79 -17.41
N ARG A 238 -13.94 -14.08 -17.75
CA ARG A 238 -12.85 -14.67 -18.53
C ARG A 238 -12.85 -14.08 -19.94
N SER A 239 -11.72 -14.27 -20.64
CA SER A 239 -11.59 -13.99 -22.07
C SER A 239 -12.83 -14.44 -22.83
N ALA A 240 -13.24 -13.62 -23.82
CA ALA A 240 -14.44 -13.87 -24.61
C ALA A 240 -14.17 -14.91 -25.70
N VAL A 241 -12.90 -15.24 -25.92
CA VAL A 241 -12.49 -16.28 -26.87
C VAL A 241 -11.44 -17.17 -26.22
N PRO A 242 -11.31 -18.45 -26.61
CA PRO A 242 -10.17 -19.27 -26.18
C PRO A 242 -8.91 -18.52 -26.56
N ALA A 243 -7.92 -18.50 -25.66
CA ALA A 243 -6.69 -17.76 -25.91
C ALA A 243 -5.53 -18.37 -25.15
N SER A 244 -4.33 -17.97 -25.56
CA SER A 244 -3.10 -18.49 -24.96
C SER A 244 -2.00 -17.47 -25.22
N ASN A 245 -1.17 -17.73 -26.22
CA ASN A 245 0.12 -17.06 -26.35
C ASN A 245 0.11 -16.00 -27.46
N GLU A 246 -1.07 -15.46 -27.82
CA GLU A 246 -1.16 -14.44 -28.86
C GLU A 246 -0.25 -13.27 -28.51
N GLY A 247 0.63 -12.90 -29.45
CA GLY A 247 1.50 -11.74 -29.29
C GLY A 247 2.90 -12.09 -28.78
N ALA A 248 3.14 -13.35 -28.41
CA ALA A 248 4.46 -13.76 -27.92
C ALA A 248 5.56 -13.47 -28.95
N ASP A 249 5.20 -13.57 -30.25
CA ASP A 249 6.12 -13.28 -31.34
C ASP A 249 6.60 -11.83 -31.26
N GLN A 250 5.70 -10.90 -30.93
CA GLN A 250 6.05 -9.49 -30.82
C GLN A 250 6.95 -9.23 -29.61
N VAL A 251 6.81 -10.05 -28.56
CA VAL A 251 7.65 -9.91 -27.39
C VAL A 251 9.08 -10.25 -27.76
N LEU A 252 9.27 -11.36 -28.48
CA LEU A 252 10.57 -11.76 -28.98
C LEU A 252 11.11 -10.70 -29.94
N ALA A 253 10.26 -10.19 -30.82
CA ALA A 253 10.70 -9.27 -31.87
C ALA A 253 11.23 -7.96 -31.28
N ALA A 254 10.68 -7.54 -30.13
CA ALA A 254 11.14 -6.31 -29.47
C ALA A 254 12.60 -6.41 -29.03
N HIS A 255 13.07 -7.62 -28.70
CA HIS A 255 14.44 -7.81 -28.29
C HIS A 255 14.89 -9.22 -28.67
N PRO A 256 15.22 -9.46 -29.97
CA PRO A 256 15.61 -10.79 -30.44
C PRO A 256 16.65 -11.41 -29.51
N TRP A 257 16.46 -12.70 -29.25
CA TRP A 257 17.26 -13.39 -28.27
C TRP A 257 17.38 -14.85 -28.66
N VAL A 258 18.49 -15.47 -28.28
CA VAL A 258 18.82 -16.81 -28.72
C VAL A 258 18.94 -17.69 -27.48
N PRO A 259 18.43 -18.94 -27.51
CA PRO A 259 18.54 -19.82 -26.35
C PRO A 259 20.00 -20.02 -25.97
N GLY A 260 20.22 -20.24 -24.67
CA GLY A 260 21.55 -20.44 -24.15
C GLY A 260 21.55 -20.39 -22.63
N GLY A 261 22.67 -19.93 -22.06
CA GLY A 261 22.88 -19.87 -20.63
C GLY A 261 24.25 -19.29 -20.29
N ASN A 262 24.45 -18.94 -19.02
CA ASN A 262 25.75 -18.59 -18.50
C ASN A 262 26.61 -19.85 -18.41
N ALA A 263 27.80 -19.85 -19.04
CA ALA A 263 28.68 -21.01 -19.00
C ALA A 263 29.63 -20.96 -17.81
N ASP A 264 30.03 -22.16 -17.35
CA ASP A 264 31.16 -22.36 -16.46
C ASP A 264 30.95 -21.63 -15.13
N ASN A 265 29.73 -21.73 -14.60
CA ASN A 265 29.36 -21.21 -13.29
C ASN A 265 29.82 -19.75 -13.11
N GLN A 266 29.65 -18.92 -14.14
CA GLN A 266 30.08 -17.52 -14.08
C GLN A 266 28.96 -16.59 -14.59
N VAL A 267 28.83 -15.43 -13.95
CA VAL A 267 27.91 -14.41 -14.41
C VAL A 267 28.48 -13.69 -15.63
N ASN A 268 27.59 -12.98 -16.33
CA ASN A 268 27.90 -12.22 -17.54
C ASN A 268 28.69 -13.06 -18.53
N ASN A 269 28.23 -14.29 -18.75
CA ASN A 269 28.97 -15.24 -19.55
C ASN A 269 27.99 -16.10 -20.34
N TYR A 270 27.06 -15.42 -21.04
CA TYR A 270 25.99 -16.10 -21.74
C TYR A 270 26.48 -16.61 -23.09
N VAL A 271 26.36 -17.93 -23.30
CA VAL A 271 26.73 -18.59 -24.54
C VAL A 271 25.48 -19.17 -25.20
N GLU A 272 25.35 -18.97 -26.52
CA GLU A 272 24.25 -19.53 -27.29
CA GLU A 272 24.26 -19.53 -27.31
C GLU A 272 24.39 -21.05 -27.31
N ASP A 273 23.23 -21.73 -27.35
CA ASP A 273 23.17 -23.16 -27.56
C ASP A 273 22.48 -23.42 -28.89
N PRO A 274 23.23 -23.76 -29.97
CA PRO A 274 22.63 -23.92 -31.30
C PRO A 274 21.76 -25.15 -31.45
N ASP A 275 21.85 -26.10 -30.50
CA ASP A 275 21.05 -27.32 -30.51
C ASP A 275 19.68 -27.13 -29.88
N SER A 276 19.47 -26.03 -29.13
CA SER A 276 18.23 -25.84 -28.39
C SER A 276 17.07 -25.64 -29.35
N ALA A 277 15.87 -26.02 -28.90
CA ALA A 277 14.65 -25.58 -29.55
C ALA A 277 14.64 -24.05 -29.61
N ASP A 278 13.94 -23.52 -30.60
CA ASP A 278 13.59 -22.10 -30.68
C ASP A 278 12.27 -22.03 -31.46
N PHE A 279 11.81 -20.84 -31.80
CA PHE A 279 10.47 -20.68 -32.34
C PHE A 279 10.36 -21.10 -33.80
N THR A 280 11.48 -21.33 -34.50
CA THR A 280 11.42 -21.93 -35.84
C THR A 280 11.88 -23.38 -35.80
N HIS A 281 12.16 -23.93 -34.60
CA HIS A 281 12.60 -25.31 -34.44
C HIS A 281 11.88 -25.96 -33.25
N LEU A 282 10.55 -25.93 -33.27
CA LEU A 282 9.74 -26.27 -32.11
C LEU A 282 9.79 -27.77 -31.80
N CYS A 283 9.86 -28.61 -32.83
CA CYS A 283 9.83 -30.06 -32.65
C CYS A 283 11.01 -30.54 -31.81
N ARG A 284 12.10 -29.76 -31.76
CA ARG A 284 13.22 -30.11 -30.89
C ARG A 284 12.78 -30.14 -29.43
N LEU A 285 11.84 -29.27 -29.06
CA LEU A 285 11.31 -29.25 -27.70
C LEU A 285 10.63 -30.60 -27.45
N TYR A 286 9.82 -31.09 -28.39
CA TYR A 286 9.16 -32.38 -28.27
C TYR A 286 10.19 -33.49 -28.05
N GLU A 287 11.21 -33.54 -28.91
CA GLU A 287 12.20 -34.61 -28.85
C GLU A 287 12.96 -34.54 -27.53
N PHE A 288 13.36 -33.32 -27.14
CA PHE A 288 14.09 -33.09 -25.92
C PHE A 288 13.31 -33.64 -24.73
N VAL A 289 12.01 -33.31 -24.63
CA VAL A 289 11.20 -33.72 -23.50
C VAL A 289 11.01 -35.24 -23.49
N VAL A 290 10.80 -35.85 -24.67
CA VAL A 290 10.70 -37.31 -24.72
C VAL A 290 11.99 -37.92 -24.17
N GLY A 291 13.13 -37.36 -24.55
CA GLY A 291 14.42 -37.76 -24.02
C GLY A 291 14.48 -37.60 -22.50
N SER A 292 13.98 -36.47 -21.98
CA SER A 292 13.96 -36.26 -20.55
C SER A 292 13.10 -37.31 -19.86
N VAL A 293 11.96 -37.66 -20.46
CA VAL A 293 11.08 -38.66 -19.88
C VAL A 293 11.80 -40.02 -19.80
N GLN A 294 12.58 -40.36 -20.83
CA GLN A 294 13.31 -41.63 -20.84
C GLN A 294 14.34 -41.67 -19.71
N GLU A 295 14.97 -40.52 -19.41
CA GLU A 295 15.91 -40.41 -18.32
C GLU A 295 15.20 -40.62 -16.98
N LEU A 296 13.98 -40.08 -16.84
CA LEU A 296 13.19 -40.27 -15.62
C LEU A 296 12.70 -41.71 -15.49
N TYR A 297 12.39 -42.35 -16.64
CA TYR A 297 11.73 -43.66 -16.65
C TYR A 297 12.50 -44.59 -17.60
N PRO A 298 13.70 -45.06 -17.20
CA PRO A 298 14.56 -45.81 -18.10
C PRO A 298 14.05 -47.21 -18.46
N ASN A 299 13.24 -47.84 -17.60
CA ASN A 299 12.76 -49.19 -17.90
C ASN A 299 11.44 -49.48 -17.18
N PRO A 300 10.35 -48.75 -17.50
CA PRO A 300 9.05 -49.03 -16.88
C PRO A 300 8.41 -50.28 -17.45
N THR A 301 7.60 -50.94 -16.62
CA THR A 301 6.79 -52.09 -16.99
C THR A 301 5.41 -51.89 -16.36
N GLY A 302 4.45 -52.75 -16.73
CA GLY A 302 3.16 -52.79 -16.08
C GLY A 302 2.34 -51.51 -16.31
N ILE A 303 1.63 -51.08 -15.25
CA ILE A 303 0.73 -49.94 -15.27
C ILE A 303 1.52 -48.67 -15.58
N LEU A 304 2.71 -48.55 -14.98
CA LEU A 304 3.54 -47.38 -15.20
C LEU A 304 3.84 -47.25 -16.69
N ARG A 305 4.23 -48.36 -17.33
CA ARG A 305 4.56 -48.31 -18.74
C ARG A 305 3.32 -47.91 -19.53
N ARG A 306 2.19 -48.54 -19.22
CA ARG A 306 0.96 -48.28 -19.95
C ARG A 306 0.60 -46.80 -19.83
N ASN A 307 0.67 -46.26 -18.60
CA ASN A 307 0.26 -44.89 -18.37
C ASN A 307 1.22 -43.91 -19.02
N LEU A 308 2.52 -44.27 -19.06
CA LEU A 308 3.49 -43.47 -19.78
C LEU A 308 3.14 -43.41 -21.27
N ILE A 309 2.83 -44.56 -21.85
CA ILE A 309 2.55 -44.63 -23.28
C ILE A 309 1.36 -43.73 -23.61
N LYS A 310 0.31 -43.81 -22.79
CA LYS A 310 -0.90 -43.04 -23.01
C LYS A 310 -0.63 -41.54 -22.88
N ASN A 311 0.02 -41.13 -21.79
CA ASN A 311 0.29 -39.72 -21.54
C ASN A 311 1.19 -39.15 -22.63
N LEU A 312 2.19 -39.92 -23.08
CA LEU A 312 3.06 -39.46 -24.16
C LEU A 312 2.22 -39.19 -25.40
N HIS A 313 1.31 -40.11 -25.73
CA HIS A 313 0.43 -39.95 -26.87
C HIS A 313 -0.47 -38.71 -26.69
N TYR A 314 -1.06 -38.55 -25.50
CA TYR A 314 -1.94 -37.41 -25.26
C TYR A 314 -1.17 -36.11 -25.51
N TRP A 315 0.05 -36.04 -24.99
CA TRP A 315 0.85 -34.86 -25.16
C TRP A 315 1.12 -34.62 -26.65
N TRP A 316 1.49 -35.69 -27.36
CA TRP A 316 1.78 -35.58 -28.78
C TRP A 316 0.56 -35.03 -29.54
N THR A 317 -0.67 -35.41 -29.15
CA THR A 317 -1.85 -34.94 -29.86
C THR A 317 -1.88 -33.41 -29.81
N GLY A 318 -1.48 -32.81 -28.70
CA GLY A 318 -1.44 -31.35 -28.60
C GLY A 318 -0.24 -30.77 -29.31
N VAL A 319 0.93 -31.36 -29.10
CA VAL A 319 2.17 -30.87 -29.70
C VAL A 319 2.04 -30.88 -31.23
N ASN A 320 1.44 -31.94 -31.77
CA ASN A 320 1.36 -32.11 -33.22
C ASN A 320 0.67 -30.90 -33.86
N VAL A 321 -0.40 -30.43 -33.21
CA VAL A 321 -1.15 -29.27 -33.69
C VAL A 321 -0.36 -28.01 -33.38
N ALA A 322 0.04 -27.82 -32.12
CA ALA A 322 0.61 -26.55 -31.69
C ALA A 322 1.90 -26.25 -32.44
N PHE A 323 2.69 -27.28 -32.75
CA PHE A 323 4.01 -27.07 -33.34
C PHE A 323 4.00 -27.25 -34.85
N GLY A 324 2.83 -27.51 -35.45
CA GLY A 324 2.71 -27.61 -36.89
C GLY A 324 3.28 -28.92 -37.46
N GLY A 325 3.21 -30.01 -36.68
CA GLY A 325 3.54 -31.34 -37.17
C GLY A 325 4.89 -31.83 -36.65
N CYS A 326 4.87 -32.85 -35.78
CA CYS A 326 6.08 -33.52 -35.32
C CYS A 326 5.82 -35.02 -35.41
N ASP A 327 6.84 -35.76 -35.84
CA ASP A 327 6.76 -37.21 -35.88
C ASP A 327 6.69 -37.74 -34.45
N GLU A 328 5.62 -38.50 -34.16
CA GLU A 328 5.46 -39.09 -32.85
C GLU A 328 6.57 -40.10 -32.58
N LEU A 329 7.11 -40.06 -31.35
CA LEU A 329 8.09 -41.00 -30.87
C LEU A 329 7.42 -42.02 -29.97
N PHE A 330 7.95 -43.25 -29.99
CA PHE A 330 7.40 -44.36 -29.23
C PHE A 330 8.51 -45.01 -28.41
N PRO A 331 9.05 -44.31 -27.39
CA PRO A 331 10.15 -44.86 -26.58
C PRO A 331 9.83 -46.16 -25.86
N TYR A 332 8.54 -46.44 -25.62
CA TYR A 332 8.13 -47.66 -24.93
C TYR A 332 7.25 -48.55 -25.81
N GLY A 333 7.32 -48.35 -27.13
CA GLY A 333 6.47 -49.11 -28.05
C GLY A 333 5.00 -48.69 -27.93
N GLN A 334 4.10 -49.66 -28.17
CA GLN A 334 2.67 -49.45 -28.20
C GLN A 334 1.99 -50.27 -27.12
N LEU A 335 0.68 -50.03 -26.91
CA LEU A 335 -0.10 -50.75 -25.91
C LEU A 335 -0.31 -52.23 -26.27
N GLN B 1 5.17 3.57 35.05
CA GLN B 1 5.31 2.16 34.57
C GLN B 1 4.31 1.85 33.46
N GLY B 2 4.16 2.77 32.50
CA GLY B 2 3.15 2.63 31.45
C GLY B 2 3.10 3.85 30.54
N VAL B 3 1.93 4.15 29.99
CA VAL B 3 1.79 5.17 28.97
C VAL B 3 0.87 6.27 29.50
N ASP B 4 1.09 7.49 29.00
CA ASP B 4 0.18 8.59 29.24
C ASP B 4 -0.76 8.71 28.04
N PRO B 5 -2.05 8.34 28.14
CA PRO B 5 -2.93 8.24 26.98
C PRO B 5 -3.36 9.60 26.44
N PRO B 6 -3.16 9.87 25.12
CA PRO B 6 -3.54 11.15 24.53
C PRO B 6 -5.06 11.23 24.41
N PRO B 7 -5.64 12.44 24.32
CA PRO B 7 -7.07 12.57 24.03
C PRO B 7 -7.36 12.00 22.64
N PRO B 8 -8.61 11.63 22.35
CA PRO B 8 -8.93 11.05 21.04
C PRO B 8 -8.69 12.03 19.90
N PRO B 9 -8.33 11.54 18.70
CA PRO B 9 -8.28 12.38 17.51
C PRO B 9 -9.66 12.98 17.27
N GLY B 10 -9.69 14.13 16.60
CA GLY B 10 -10.92 14.70 16.10
C GLY B 10 -11.26 14.14 14.73
N PRO B 11 -12.29 14.68 14.05
CA PRO B 11 -12.64 14.24 12.71
C PRO B 11 -11.44 14.41 11.77
N PRO B 12 -11.34 13.64 10.67
CA PRO B 12 -10.23 13.84 9.73
C PRO B 12 -10.40 15.19 9.02
N SER B 13 -9.26 15.80 8.63
CA SER B 13 -9.25 17.06 7.88
C SER B 13 -10.10 16.95 6.62
N PHE B 14 -9.92 15.84 5.87
CA PHE B 14 -10.66 15.60 4.65
C PHE B 14 -11.72 14.53 4.94
N THR B 15 -13.00 14.84 4.67
CA THR B 15 -14.12 13.98 5.01
C THR B 15 -14.89 13.53 3.77
N GLY B 16 -14.31 13.73 2.56
CA GLY B 16 -14.96 13.29 1.33
C GLY B 16 -14.65 11.82 1.06
N THR B 17 -15.17 11.29 -0.08
CA THR B 17 -14.85 9.95 -0.52
C THR B 17 -13.39 9.94 -0.97
N LYS B 18 -12.79 8.74 -0.94
CA LYS B 18 -11.47 8.52 -1.48
C LYS B 18 -11.28 7.03 -1.59
N LEU B 19 -10.31 6.62 -2.42
CA LEU B 19 -9.92 5.24 -2.54
C LEU B 19 -9.23 4.83 -1.25
N VAL B 20 -9.75 3.77 -0.59
CA VAL B 20 -9.14 3.32 0.66
C VAL B 20 -8.44 1.99 0.43
N ASN B 21 -8.92 1.23 -0.55
CA ASN B 21 -8.25 0.00 -0.93
C ASN B 21 -7.15 0.36 -1.94
N ASP B 22 -6.03 0.90 -1.43
CA ASP B 22 -5.03 1.53 -2.29
C ASP B 22 -3.71 0.81 -2.10
N ALA B 23 -2.69 1.27 -2.84
CA ALA B 23 -1.44 0.54 -2.93
C ALA B 23 -0.75 0.50 -1.57
N ASP B 24 -0.97 1.54 -0.77
CA ASP B 24 -0.33 1.65 0.52
C ASP B 24 -1.02 0.78 1.57
N HIS B 25 -2.26 0.31 1.27
CA HIS B 25 -3.05 -0.47 2.22
C HIS B 25 -3.52 -1.79 1.59
N PRO B 26 -2.58 -2.69 1.21
CA PRO B 26 -2.94 -3.95 0.57
C PRO B 26 -3.49 -4.95 1.57
N TRP B 27 -4.49 -5.73 1.15
CA TRP B 27 -4.86 -6.90 1.93
C TRP B 27 -3.66 -7.83 2.03
N GLN B 28 -3.46 -8.41 3.22
CA GLN B 28 -2.46 -9.43 3.43
C GLN B 28 -3.01 -10.51 4.33
N PRO B 29 -2.58 -11.78 4.12
CA PRO B 29 -3.04 -12.89 4.95
C PRO B 29 -2.52 -12.77 6.39
N LEU B 30 -3.16 -13.51 7.29
CA LEU B 30 -2.80 -13.50 8.69
C LEU B 30 -1.43 -14.16 8.84
N ARG B 31 -0.60 -13.58 9.72
CA ARG B 31 0.61 -14.22 10.18
C ARG B 31 0.38 -14.77 11.59
N GLU B 32 1.33 -15.57 12.06
CA GLU B 32 1.27 -16.15 13.39
C GLU B 32 1.17 -15.03 14.43
N GLY B 33 0.21 -15.19 15.35
CA GLY B 33 0.02 -14.23 16.43
C GLY B 33 -0.93 -13.08 16.09
N ASP B 34 -1.30 -12.92 14.81
CA ASP B 34 -2.20 -11.85 14.42
C ASP B 34 -3.59 -12.12 14.99
N ILE B 35 -4.25 -11.08 15.52
CA ILE B 35 -5.52 -11.21 16.20
C ILE B 35 -6.64 -10.64 15.35
N ARG B 36 -7.75 -11.39 15.25
CA ARG B 36 -8.96 -10.89 14.62
C ARG B 36 -10.12 -11.26 15.55
N GLY B 37 -11.27 -10.59 15.40
CA GLY B 37 -12.35 -10.79 16.36
C GLY B 37 -13.74 -10.63 15.72
N PRO B 38 -14.73 -10.20 16.53
CA PRO B 38 -16.13 -10.19 16.10
C PRO B 38 -16.54 -9.02 15.23
N CYS B 39 -15.63 -8.05 15.04
CA CYS B 39 -15.95 -6.85 14.29
C CYS B 39 -15.34 -6.91 12.87
N PRO B 40 -16.19 -6.97 11.84
CA PRO B 40 -15.69 -6.98 10.46
C PRO B 40 -15.03 -5.67 10.04
N GLY B 41 -15.46 -4.55 10.65
CA GLY B 41 -14.85 -3.27 10.36
C GLY B 41 -13.38 -3.24 10.80
N LEU B 42 -13.14 -3.52 12.09
CA LEU B 42 -11.79 -3.53 12.64
C LEU B 42 -10.96 -4.63 11.96
N ASN B 43 -11.57 -5.80 11.70
CA ASN B 43 -10.87 -6.91 11.06
C ASN B 43 -10.33 -6.47 9.69
N THR B 44 -11.17 -5.80 8.89
CA THR B 44 -10.78 -5.40 7.55
C THR B 44 -9.67 -4.33 7.65
N LEU B 45 -9.81 -3.40 8.60
CA LEU B 45 -8.83 -2.35 8.77
C LEU B 45 -7.48 -2.95 9.13
N ALA B 46 -7.47 -3.99 9.95
CA ALA B 46 -6.21 -4.62 10.33
C ALA B 46 -5.61 -5.37 9.14
N SER B 47 -6.46 -6.07 8.38
CA SER B 47 -5.94 -6.88 7.28
C SER B 47 -5.48 -6.04 6.09
N HIS B 48 -5.82 -4.74 6.06
CA HIS B 48 -5.32 -3.81 5.06
C HIS B 48 -4.27 -2.83 5.60
N GLY B 49 -3.87 -2.99 6.87
CA GLY B 49 -2.81 -2.17 7.43
C GLY B 49 -3.25 -0.75 7.83
N TYR B 50 -4.55 -0.46 7.86
CA TYR B 50 -5.03 0.77 8.47
C TYR B 50 -4.82 0.73 10.00
N LEU B 51 -4.98 -0.45 10.60
CA LEU B 51 -4.57 -0.74 11.96
C LEU B 51 -3.32 -1.58 11.90
N PRO B 52 -2.56 -1.72 13.01
CA PRO B 52 -1.51 -2.74 13.09
C PRO B 52 -2.09 -4.07 12.64
N ARG B 53 -1.35 -4.78 11.79
CA ARG B 53 -1.81 -5.99 11.16
C ARG B 53 -1.98 -7.11 12.19
N ASP B 54 -1.39 -6.96 13.38
CA ASP B 54 -1.53 -7.95 14.42
C ASP B 54 -2.84 -7.75 15.22
N GLY B 55 -3.62 -6.72 14.89
CA GLY B 55 -4.93 -6.58 15.50
C GLY B 55 -4.89 -6.08 16.95
N VAL B 56 -3.78 -5.44 17.34
CA VAL B 56 -3.66 -4.82 18.65
C VAL B 56 -3.30 -3.36 18.41
N ALA B 57 -4.06 -2.44 19.01
CA ALA B 57 -3.89 -1.04 18.72
C ALA B 57 -4.25 -0.16 19.91
N THR B 58 -3.83 1.11 19.83
CA THR B 58 -4.24 2.11 20.80
C THR B 58 -5.63 2.59 20.42
N PRO B 59 -6.39 3.14 21.39
CA PRO B 59 -7.65 3.79 21.05
C PRO B 59 -7.51 4.83 19.95
N ALA B 60 -6.44 5.64 20.01
CA ALA B 60 -6.19 6.67 19.01
C ALA B 60 -6.03 6.04 17.62
N GLN B 61 -5.26 4.96 17.52
CA GLN B 61 -5.08 4.27 16.26
C GLN B 61 -6.41 3.75 15.71
N ILE B 62 -7.28 3.23 16.59
CA ILE B 62 -8.55 2.67 16.18
C ILE B 62 -9.43 3.78 15.63
N ILE B 63 -9.48 4.91 16.34
CA ILE B 63 -10.34 6.00 15.92
C ILE B 63 -9.89 6.49 14.54
N THR B 64 -8.59 6.72 14.37
CA THR B 64 -8.07 7.26 13.12
CA THR B 64 -8.10 7.26 13.12
C THR B 64 -8.32 6.24 11.99
N ALA B 65 -8.12 4.95 12.27
CA ALA B 65 -8.31 3.90 11.26
C ALA B 65 -9.76 3.82 10.79
N THR B 66 -10.73 3.91 11.71
CA THR B 66 -12.13 3.82 11.34
C THR B 66 -12.53 5.04 10.52
N GLN B 67 -11.93 6.20 10.82
CA GLN B 67 -12.18 7.42 10.07
C GLN B 67 -11.52 7.33 8.68
N GLU B 68 -10.24 6.97 8.64
CA GLU B 68 -9.49 6.96 7.39
C GLU B 68 -10.06 5.91 6.45
N GLY B 69 -10.39 4.73 6.99
CA GLY B 69 -10.77 3.58 6.18
C GLY B 69 -12.25 3.59 5.76
N PHE B 70 -13.14 4.09 6.63
CA PHE B 70 -14.57 3.94 6.41
C PHE B 70 -15.35 5.24 6.58
N ASN B 71 -14.66 6.32 6.99
CA ASN B 71 -15.33 7.59 7.33
C ASN B 71 -16.32 7.38 8.47
N PHE B 72 -15.99 6.52 9.43
CA PHE B 72 -16.80 6.37 10.62
C PHE B 72 -16.80 7.73 11.34
N GLU B 73 -17.99 8.20 11.73
CA GLU B 73 -18.11 9.52 12.33
C GLU B 73 -17.37 9.57 13.68
N ASN B 74 -16.73 10.70 13.93
CA ASN B 74 -15.79 10.87 15.04
C ASN B 74 -16.41 10.48 16.39
N ASN B 75 -17.59 11.00 16.71
CA ASN B 75 -18.21 10.72 18.00
C ASN B 75 -18.61 9.25 18.11
N ALA B 76 -19.12 8.67 17.01
CA ALA B 76 -19.43 7.25 17.01
C ALA B 76 -18.17 6.44 17.26
N ALA B 77 -17.04 6.87 16.68
CA ALA B 77 -15.77 6.17 16.86
C ALA B 77 -15.33 6.25 18.33
N ILE B 78 -15.52 7.43 18.94
CA ILE B 78 -15.09 7.64 20.31
C ILE B 78 -15.94 6.77 21.24
N VAL B 79 -17.24 6.75 21.00
CA VAL B 79 -18.16 5.99 21.84
C VAL B 79 -17.83 4.50 21.78
N ALA B 80 -17.61 3.96 20.56
CA ALA B 80 -17.34 2.54 20.40
C ALA B 80 -15.97 2.19 20.98
N THR B 81 -14.97 3.04 20.72
CA THR B 81 -13.58 2.66 20.98
C THR B 81 -13.31 2.62 22.48
N TYR B 82 -13.72 3.68 23.20
CA TYR B 82 -13.40 3.76 24.62
C TYR B 82 -14.32 2.82 25.40
N LEU B 83 -15.52 2.52 24.89
CA LEU B 83 -16.34 1.47 25.48
C LEU B 83 -15.55 0.16 25.47
N GLY B 84 -15.06 -0.21 24.29
CA GLY B 84 -14.28 -1.43 24.14
C GLY B 84 -13.01 -1.37 24.98
N HIS B 85 -12.35 -0.21 25.03
CA HIS B 85 -11.07 -0.10 25.73
C HIS B 85 -11.27 -0.19 27.25
N LEU B 86 -12.26 0.55 27.79
CA LEU B 86 -12.47 0.59 29.23
C LEU B 86 -12.75 -0.82 29.76
N LEU B 87 -13.61 -1.56 29.05
CA LEU B 87 -14.03 -2.88 29.47
C LEU B 87 -13.01 -3.97 29.16
N ASN B 88 -12.31 -3.85 28.01
CA ASN B 88 -11.61 -4.99 27.44
C ASN B 88 -10.15 -4.70 27.10
N GLY B 89 -9.70 -3.46 27.28
CA GLY B 89 -8.34 -3.08 26.94
C GLY B 89 -7.43 -2.99 28.17
N ASN B 90 -6.16 -2.77 27.90
CA ASN B 90 -5.18 -2.55 28.95
C ASN B 90 -4.95 -1.05 29.08
N LEU B 91 -5.39 -0.50 30.21
CA LEU B 91 -5.43 0.95 30.39
C LEU B 91 -4.04 1.50 30.69
N VAL B 92 -3.14 0.64 31.18
CA VAL B 92 -1.78 1.05 31.49
C VAL B 92 -0.92 1.12 30.23
N THR B 93 -1.00 0.12 29.35
CA THR B 93 -0.23 0.12 28.12
C THR B 93 -0.96 0.87 27.01
N ASP B 94 -2.26 1.15 27.21
CA ASP B 94 -3.08 1.84 26.22
C ASP B 94 -3.23 0.97 24.96
N LEU B 95 -3.41 -0.33 25.13
CA LEU B 95 -3.55 -1.24 24.00
C LEU B 95 -4.81 -2.08 24.17
N LEU B 96 -5.51 -2.29 23.05
CA LEU B 96 -6.72 -3.10 23.00
C LEU B 96 -6.58 -4.13 21.87
N SER B 97 -6.88 -5.38 22.21
CA SER B 97 -7.00 -6.46 21.25
C SER B 97 -8.37 -6.42 20.60
N ILE B 98 -8.42 -6.51 19.26
CA ILE B 98 -9.70 -6.48 18.55
C ILE B 98 -10.34 -7.86 18.59
N GLY B 99 -9.65 -8.84 19.22
CA GLY B 99 -10.17 -10.18 19.36
C GLY B 99 -10.05 -10.68 20.80
N GLY B 100 -9.28 -11.77 20.97
CA GLY B 100 -9.12 -12.42 22.26
C GLY B 100 -7.82 -12.02 22.96
N ALA B 101 -7.47 -12.80 24.01
CA ALA B 101 -6.36 -12.44 24.89
C ALA B 101 -5.05 -12.65 24.16
N THR B 102 -4.07 -11.78 24.45
CA THR B 102 -2.78 -11.86 23.79
C THR B 102 -1.75 -11.16 24.66
N PRO B 103 -0.49 -11.67 24.72
CA PRO B 103 0.58 -10.96 25.43
C PRO B 103 0.89 -9.61 24.80
N LYS B 104 0.47 -9.39 23.55
CA LYS B 104 0.73 -8.13 22.86
C LYS B 104 0.12 -6.92 23.56
N THR B 105 -0.88 -7.10 24.44
CA THR B 105 -1.47 -5.95 25.14
C THR B 105 -0.65 -5.64 26.39
N GLY B 106 0.29 -6.51 26.74
CA GLY B 106 1.24 -6.25 27.81
C GLY B 106 0.86 -6.94 29.11
N PRO B 107 1.55 -6.59 30.23
CA PRO B 107 1.26 -7.20 31.54
C PRO B 107 -0.22 -7.13 31.91
N PRO B 108 -0.85 -8.24 32.33
CA PRO B 108 -2.29 -8.23 32.59
C PRO B 108 -2.63 -7.33 33.77
N PRO B 109 -3.82 -6.69 33.78
CA PRO B 109 -4.24 -5.84 34.89
C PRO B 109 -4.61 -6.71 36.10
N PRO B 110 -4.75 -6.12 37.31
CA PRO B 110 -5.24 -6.88 38.46
C PRO B 110 -6.67 -7.37 38.25
N PRO B 111 -6.96 -8.67 38.54
CA PRO B 111 -8.33 -9.18 38.50
C PRO B 111 -9.22 -8.35 39.42
N PRO B 112 -10.54 -8.24 39.18
CA PRO B 112 -11.21 -8.96 38.09
C PRO B 112 -11.08 -8.38 36.68
N ALA B 113 -10.32 -7.29 36.50
CA ALA B 113 -10.05 -6.80 35.16
C ALA B 113 -9.21 -7.83 34.41
N HIS B 114 -9.26 -7.77 33.07
CA HIS B 114 -8.76 -8.85 32.23
C HIS B 114 -8.00 -8.35 30.99
N ALA B 115 -8.40 -7.23 30.38
CA ALA B 115 -7.85 -6.79 29.10
C ALA B 115 -7.91 -7.94 28.07
N GLY B 116 -9.03 -8.65 28.07
CA GLY B 116 -9.19 -9.88 27.32
C GLY B 116 -9.63 -9.65 25.87
N GLY B 117 -9.89 -8.39 25.50
CA GLY B 117 -10.19 -8.03 24.12
C GLY B 117 -11.68 -8.04 23.82
N LEU B 118 -12.02 -7.64 22.59
CA LEU B 118 -13.41 -7.48 22.15
C LEU B 118 -14.18 -8.80 22.19
N ASN B 119 -13.49 -9.94 22.19
CA ASN B 119 -14.16 -11.24 22.25
C ASN B 119 -14.89 -11.45 23.60
N VAL B 120 -14.53 -10.71 24.66
CA VAL B 120 -15.12 -10.94 25.97
C VAL B 120 -16.64 -10.68 25.95
N HIS B 121 -17.41 -11.70 26.35
CA HIS B 121 -18.86 -11.69 26.23
C HIS B 121 -19.53 -11.06 27.45
N GLY B 122 -20.64 -10.34 27.24
CA GLY B 122 -21.61 -10.14 28.31
C GLY B 122 -21.79 -8.69 28.78
N THR B 123 -20.78 -7.81 28.56
CA THR B 123 -20.97 -6.40 28.85
C THR B 123 -20.97 -5.58 27.56
N PHE B 124 -20.02 -5.86 26.64
CA PHE B 124 -20.05 -5.29 25.29
C PHE B 124 -20.56 -6.35 24.29
N GLU B 125 -19.66 -7.22 23.79
CA GLU B 125 -20.05 -8.26 22.83
C GLU B 125 -21.29 -9.00 23.35
N GLY B 126 -22.25 -9.26 22.48
CA GLY B 126 -23.47 -9.95 22.87
C GLY B 126 -24.15 -10.66 21.71
N ASP B 127 -25.42 -11.02 21.92
CA ASP B 127 -26.09 -12.06 21.17
C ASP B 127 -26.85 -11.51 19.96
N ALA B 128 -27.29 -12.42 19.09
CA ALA B 128 -28.10 -12.13 17.92
C ALA B 128 -27.36 -11.28 16.88
N GLY B 129 -26.05 -11.53 16.73
CA GLY B 129 -25.28 -10.92 15.64
C GLY B 129 -25.69 -11.48 14.28
N MET B 130 -25.24 -10.81 13.21
CA MET B 130 -25.59 -11.12 11.84
C MET B 130 -24.77 -12.29 11.30
N THR B 131 -23.44 -12.27 11.47
CA THR B 131 -22.56 -13.29 10.89
C THR B 131 -21.75 -14.02 11.95
N ARG B 132 -21.93 -13.66 13.24
CA ARG B 132 -21.31 -14.38 14.35
C ARG B 132 -22.41 -15.01 15.21
N ALA B 133 -22.15 -16.20 15.75
CA ALA B 133 -23.10 -16.93 16.57
C ALA B 133 -22.95 -16.50 18.04
N ASP B 134 -24.02 -16.67 18.82
CA ASP B 134 -24.02 -16.33 20.25
C ASP B 134 -22.95 -17.12 20.98
N GLU B 135 -22.38 -16.50 22.03
CA GLU B 135 -21.34 -17.09 22.84
C GLU B 135 -21.76 -18.44 23.41
N PHE B 136 -23.05 -18.60 23.74
CA PHE B 136 -23.55 -19.85 24.29
C PHE B 136 -23.18 -21.05 23.41
N PHE B 137 -23.12 -20.87 22.08
CA PHE B 137 -22.88 -21.99 21.18
C PHE B 137 -21.38 -22.26 21.00
N GLY B 138 -20.51 -21.46 21.64
CA GLY B 138 -19.11 -21.84 21.77
C GLY B 138 -18.10 -20.94 21.04
N ASP B 139 -18.57 -20.06 20.15
CA ASP B 139 -17.66 -19.24 19.37
C ASP B 139 -18.36 -17.97 18.92
N ASN B 140 -18.00 -16.85 19.56
CA ASN B 140 -18.69 -15.59 19.38
C ASN B 140 -17.94 -14.68 18.42
N HIS B 141 -16.86 -15.17 17.80
CA HIS B 141 -15.94 -14.31 17.08
C HIS B 141 -15.77 -14.70 15.60
N SER B 142 -15.78 -16.01 15.29
CA SER B 142 -15.56 -16.49 13.93
C SER B 142 -16.76 -16.15 13.05
N PHE B 143 -16.46 -15.90 11.77
CA PHE B 143 -17.49 -15.90 10.73
C PHE B 143 -18.21 -17.24 10.73
N ASN B 144 -19.54 -17.18 10.55
CA ASN B 144 -20.42 -18.33 10.56
C ASN B 144 -21.22 -18.37 9.26
N GLN B 145 -20.91 -19.37 8.42
CA GLN B 145 -21.48 -19.48 7.08
C GLN B 145 -22.99 -19.69 7.13
N THR B 146 -23.48 -20.47 8.08
CA THR B 146 -24.93 -20.69 8.23
C THR B 146 -25.64 -19.35 8.43
N LEU B 147 -25.12 -18.50 9.33
CA LEU B 147 -25.73 -17.20 9.57
C LEU B 147 -25.62 -16.32 8.32
N PHE B 148 -24.50 -16.43 7.60
CA PHE B 148 -24.32 -15.66 6.38
C PHE B 148 -25.32 -16.12 5.33
N ASP B 149 -25.60 -17.43 5.27
CA ASP B 149 -26.63 -17.95 4.37
C ASP B 149 -27.99 -17.32 4.68
N LYS B 150 -28.32 -17.11 5.96
CA LYS B 150 -29.55 -16.44 6.35
C LYS B 150 -29.54 -14.98 5.90
N PHE B 151 -28.40 -14.30 6.09
CA PHE B 151 -28.23 -12.95 5.59
C PHE B 151 -28.58 -12.86 4.10
N VAL B 152 -28.02 -13.81 3.33
CA VAL B 152 -28.28 -13.88 1.89
C VAL B 152 -29.78 -14.15 1.66
N ASP B 153 -30.34 -15.11 2.39
CA ASP B 153 -31.75 -15.46 2.21
C ASP B 153 -32.63 -14.24 2.43
N PHE B 154 -32.41 -13.52 3.54
CA PHE B 154 -33.21 -12.34 3.86
C PHE B 154 -33.01 -11.27 2.81
N SER B 155 -31.78 -11.14 2.28
CA SER B 155 -31.51 -10.17 1.22
C SER B 155 -32.30 -10.55 -0.04
N ASN B 156 -32.38 -11.85 -0.34
CA ASN B 156 -33.17 -12.30 -1.48
C ASN B 156 -34.66 -12.01 -1.26
N ARG B 157 -35.14 -12.27 -0.03
CA ARG B 157 -36.55 -12.17 0.28
C ARG B 157 -37.06 -10.72 0.35
N TYR B 158 -36.23 -9.77 0.81
CA TYR B 158 -36.71 -8.43 1.12
C TYR B 158 -35.92 -7.33 0.43
N GLY B 159 -34.77 -7.64 -0.18
CA GLY B 159 -33.92 -6.61 -0.77
C GLY B 159 -33.53 -6.89 -2.22
N GLY B 160 -34.29 -7.74 -2.92
CA GLY B 160 -34.02 -7.99 -4.33
C GLY B 160 -32.65 -8.63 -4.57
N GLY B 161 -32.12 -9.33 -3.56
CA GLY B 161 -30.80 -9.97 -3.63
C GLY B 161 -29.69 -9.11 -3.02
N PHE B 162 -30.06 -7.94 -2.47
CA PHE B 162 -29.11 -7.01 -1.86
C PHE B 162 -29.53 -6.71 -0.42
N TYR B 163 -28.55 -6.29 0.38
CA TYR B 163 -28.82 -5.92 1.76
C TYR B 163 -29.13 -4.42 1.78
N ASN B 164 -30.35 -4.10 2.23
CA ASN B 164 -30.77 -2.71 2.36
C ASN B 164 -31.54 -2.56 3.67
N LEU B 165 -32.10 -1.36 3.91
CA LEU B 165 -32.67 -1.05 5.22
C LEU B 165 -33.88 -1.96 5.52
N THR B 166 -34.66 -2.32 4.49
CA THR B 166 -35.78 -3.23 4.67
C THR B 166 -35.27 -4.58 5.17
N VAL B 167 -34.19 -5.06 4.56
CA VAL B 167 -33.61 -6.34 4.94
C VAL B 167 -33.14 -6.26 6.39
N ALA B 168 -32.43 -5.16 6.74
CA ALA B 168 -31.93 -4.95 8.08
C ALA B 168 -33.04 -5.10 9.12
N GLY B 169 -34.19 -4.47 8.86
CA GLY B 169 -35.32 -4.57 9.77
C GLY B 169 -35.76 -6.02 10.00
N GLU B 170 -35.90 -6.77 8.90
CA GLU B 170 -36.40 -8.14 8.98
C GLU B 170 -35.37 -9.05 9.64
N LEU B 171 -34.09 -8.88 9.27
CA LEU B 171 -33.04 -9.77 9.75
C LEU B 171 -32.82 -9.57 11.25
N ARG B 172 -32.80 -8.32 11.70
CA ARG B 172 -32.56 -8.02 13.11
C ARG B 172 -33.57 -8.77 13.98
N TYR B 173 -34.85 -8.69 13.62
CA TYR B 173 -35.93 -9.30 14.40
C TYR B 173 -35.79 -10.82 14.38
N SER B 174 -35.57 -11.37 13.19
CA SER B 174 -35.51 -12.81 13.01
C SER B 174 -34.34 -13.39 13.80
N ARG B 175 -33.22 -12.66 13.83
CA ARG B 175 -32.07 -13.10 14.62
C ARG B 175 -32.40 -13.08 16.12
N ILE B 176 -33.12 -12.06 16.59
CA ILE B 176 -33.58 -12.06 17.96
C ILE B 176 -34.40 -13.34 18.22
N GLN B 177 -35.35 -13.63 17.34
CA GLN B 177 -36.22 -14.81 17.48
C GLN B 177 -35.39 -16.10 17.51
N ASP B 178 -34.37 -16.23 16.64
CA ASP B 178 -33.50 -17.40 16.68
C ASP B 178 -32.90 -17.61 18.06
N SER B 179 -32.35 -16.53 18.64
CA SER B 179 -31.69 -16.62 19.93
C SER B 179 -32.70 -16.92 21.05
N ILE B 180 -33.92 -16.37 20.96
CA ILE B 180 -34.94 -16.67 21.96
C ILE B 180 -35.20 -18.18 21.97
N ALA B 181 -35.37 -18.74 20.77
CA ALA B 181 -35.77 -20.13 20.58
C ALA B 181 -34.66 -21.10 20.91
N THR B 182 -33.38 -20.71 20.85
CA THR B 182 -32.31 -21.70 20.89
C THR B 182 -31.28 -21.43 21.97
N ASN B 183 -31.29 -20.24 22.58
CA ASN B 183 -30.21 -19.86 23.49
C ASN B 183 -30.83 -19.54 24.85
N PRO B 184 -30.70 -20.45 25.84
CA PRO B 184 -31.32 -20.22 27.14
C PRO B 184 -30.61 -19.14 27.98
N GLU B 185 -29.40 -18.73 27.55
CA GLU B 185 -28.66 -17.65 28.20
C GLU B 185 -28.78 -16.34 27.42
N PHE B 186 -29.68 -16.28 26.44
CA PHE B 186 -29.85 -15.12 25.58
C PHE B 186 -30.12 -13.86 26.41
N GLN B 187 -29.28 -12.85 26.18
CA GLN B 187 -29.41 -11.53 26.78
C GLN B 187 -29.46 -10.49 25.66
N PHE B 188 -30.39 -9.53 25.79
CA PHE B 188 -30.54 -8.47 24.82
C PHE B 188 -30.93 -7.17 25.51
N LYS B 189 -30.00 -6.65 26.32
CA LYS B 189 -30.26 -5.48 27.14
C LYS B 189 -29.01 -4.64 27.28
N ASN B 190 -29.16 -3.45 27.87
CA ASN B 190 -28.06 -2.56 28.16
C ASN B 190 -27.23 -2.33 26.89
N VAL B 191 -25.93 -2.58 26.94
CA VAL B 191 -25.08 -2.19 25.83
C VAL B 191 -25.58 -2.87 24.56
N ARG B 192 -25.88 -4.17 24.67
CA ARG B 192 -26.17 -4.97 23.49
C ARG B 192 -27.42 -4.47 22.79
N PHE B 193 -28.44 -4.08 23.56
CA PHE B 193 -29.70 -3.67 22.98
C PHE B 193 -29.44 -2.47 22.08
N ILE B 194 -28.54 -1.58 22.49
CA ILE B 194 -28.26 -0.39 21.70
C ILE B 194 -27.40 -0.76 20.49
N THR B 195 -26.32 -1.53 20.70
CA THR B 195 -25.36 -1.77 19.64
C THR B 195 -25.95 -2.66 18.56
N ALA B 196 -26.94 -3.48 18.92
CA ALA B 196 -27.48 -4.46 17.99
C ALA B 196 -28.27 -3.82 16.86
N TYR B 197 -28.75 -2.58 17.02
CA TYR B 197 -29.47 -1.89 15.96
C TYR B 197 -28.48 -1.18 15.05
N GLY B 198 -27.54 -0.41 15.63
CA GLY B 198 -26.51 0.25 14.84
C GLY B 198 -25.77 -0.71 13.91
N GLU B 199 -25.43 -1.90 14.42
CA GLU B 199 -24.59 -2.84 13.68
C GLU B 199 -25.28 -3.27 12.38
N THR B 200 -26.62 -3.27 12.34
CA THR B 200 -27.34 -3.78 11.19
C THR B 200 -27.40 -2.72 10.09
N VAL B 201 -27.07 -1.45 10.40
CA VAL B 201 -27.08 -0.42 9.36
C VAL B 201 -25.65 -0.06 8.94
N PHE B 202 -24.63 -0.43 9.71
CA PHE B 202 -23.27 -0.14 9.31
C PHE B 202 -22.97 -0.71 7.92
N PRO B 203 -23.44 -1.92 7.54
CA PRO B 203 -23.17 -2.43 6.20
C PRO B 203 -23.73 -1.54 5.08
N ILE B 204 -24.86 -0.89 5.34
CA ILE B 204 -25.46 0.02 4.38
C ILE B 204 -24.67 1.33 4.33
N ASN B 205 -24.40 1.92 5.49
CA ASN B 205 -23.84 3.26 5.55
C ASN B 205 -22.35 3.26 5.27
N LEU B 206 -21.64 2.16 5.60
CA LEU B 206 -20.18 2.16 5.57
C LEU B 206 -19.59 1.12 4.62
N PHE B 207 -20.29 0.01 4.34
CA PHE B 207 -19.72 -1.02 3.49
C PHE B 207 -20.10 -0.84 2.02
N VAL B 208 -21.14 -0.04 1.76
CA VAL B 208 -21.50 0.32 0.41
C VAL B 208 -20.57 1.44 -0.04
N ASP B 209 -20.03 1.30 -1.25
CA ASP B 209 -19.06 2.22 -1.81
C ASP B 209 -19.62 3.65 -1.76
N GLY B 210 -18.74 4.61 -1.42
CA GLY B 210 -19.16 5.99 -1.19
C GLY B 210 -19.57 6.74 -2.47
N ARG B 211 -19.19 6.20 -3.64
CA ARG B 211 -19.62 6.77 -4.91
C ARG B 211 -21.05 6.37 -5.24
N VAL B 212 -21.66 5.45 -4.49
CA VAL B 212 -23.08 5.17 -4.63
C VAL B 212 -23.86 6.15 -3.77
N THR B 213 -24.64 7.05 -4.40
CA THR B 213 -25.34 8.10 -3.67
C THR B 213 -26.85 7.82 -3.61
N THR B 214 -27.35 6.96 -4.51
CA THR B 214 -28.78 6.66 -4.55
C THR B 214 -29.02 5.15 -4.34
N ASP B 215 -30.07 4.84 -3.59
CA ASP B 215 -30.53 3.47 -3.38
C ASP B 215 -29.36 2.59 -2.93
N ARG B 216 -28.84 2.94 -1.77
CA ARG B 216 -27.63 2.33 -1.24
C ARG B 216 -27.97 0.91 -0.78
N LYS B 217 -27.20 -0.06 -1.27
CA LYS B 217 -27.50 -1.46 -0.98
C LYS B 217 -26.21 -2.25 -1.15
N LEU B 218 -26.04 -3.30 -0.34
CA LEU B 218 -24.80 -4.05 -0.35
C LEU B 218 -24.97 -5.37 -1.09
N SER B 219 -24.08 -5.64 -2.05
CA SER B 219 -24.06 -6.91 -2.77
C SER B 219 -23.57 -8.01 -1.83
N MET B 220 -23.98 -9.26 -2.12
CA MET B 220 -23.56 -10.38 -1.30
C MET B 220 -22.06 -10.64 -1.49
N GLU B 221 -21.52 -10.30 -2.67
CA GLU B 221 -20.09 -10.45 -2.93
C GLU B 221 -19.28 -9.52 -2.00
N ASP B 222 -19.70 -8.25 -1.91
CA ASP B 222 -19.03 -7.27 -1.07
C ASP B 222 -19.19 -7.66 0.40
N ALA B 223 -20.41 -8.08 0.77
CA ALA B 223 -20.65 -8.53 2.13
C ALA B 223 -19.71 -9.68 2.48
N ALA B 224 -19.59 -10.69 1.62
CA ALA B 224 -18.73 -11.83 1.92
C ALA B 224 -17.28 -11.38 2.05
N SER B 225 -16.87 -10.50 1.14
CA SER B 225 -15.50 -10.02 1.15
C SER B 225 -15.13 -9.42 2.52
N ILE B 226 -16.03 -8.60 3.08
CA ILE B 226 -15.74 -7.91 4.33
C ILE B 226 -16.01 -8.83 5.53
N PHE B 227 -17.20 -9.43 5.61
CA PHE B 227 -17.60 -10.21 6.77
C PHE B 227 -16.77 -11.49 6.90
N ARG B 228 -16.47 -12.15 5.78
CA ARG B 228 -15.72 -13.40 5.81
C ARG B 228 -14.23 -13.15 5.63
N ASP B 229 -13.82 -12.47 4.57
CA ASP B 229 -12.40 -12.44 4.22
C ASP B 229 -11.64 -11.24 4.81
N MET B 230 -12.35 -10.28 5.43
CA MET B 230 -11.70 -9.11 6.00
C MET B 230 -10.99 -8.30 4.90
N ARG B 231 -11.66 -8.18 3.74
CA ARG B 231 -11.07 -7.57 2.57
CA ARG B 231 -11.07 -7.56 2.56
C ARG B 231 -12.04 -6.54 1.99
N PHE B 232 -11.52 -5.33 1.75
CA PHE B 232 -12.28 -4.31 1.04
C PHE B 232 -12.61 -4.83 -0.35
N PRO B 233 -13.81 -4.52 -0.90
CA PRO B 233 -14.04 -4.69 -2.32
C PRO B 233 -12.94 -4.01 -3.12
N ASP B 234 -12.68 -4.55 -4.32
CA ASP B 234 -11.78 -3.93 -5.27
C ASP B 234 -12.19 -2.46 -5.46
N ASP B 235 -11.19 -1.57 -5.46
CA ASP B 235 -11.38 -0.16 -5.76
C ASP B 235 -12.33 0.51 -4.76
N PHE B 236 -12.42 -0.01 -3.53
CA PHE B 236 -13.41 0.48 -2.58
C PHE B 236 -13.13 1.94 -2.21
N HIS B 237 -14.16 2.78 -2.34
CA HIS B 237 -14.13 4.16 -1.87
C HIS B 237 -15.04 4.26 -0.65
N ARG B 238 -14.51 4.85 0.42
CA ARG B 238 -15.27 5.03 1.65
C ARG B 238 -16.44 5.97 1.43
N SER B 239 -17.38 5.96 2.39
CA SER B 239 -18.50 6.89 2.44
C SER B 239 -18.03 8.32 2.14
N ALA B 240 -18.85 9.07 1.39
CA ALA B 240 -18.51 10.43 0.98
C ALA B 240 -18.72 11.41 2.13
N VAL B 241 -19.38 10.96 3.21
CA VAL B 241 -19.61 11.76 4.41
C VAL B 241 -19.30 10.90 5.63
N PRO B 242 -18.87 11.50 6.77
CA PRO B 242 -18.80 10.77 8.03
C PRO B 242 -20.17 10.14 8.29
N ALA B 243 -20.18 8.87 8.73
CA ALA B 243 -21.46 8.20 8.96
C ALA B 243 -21.32 7.14 10.05
N SER B 244 -22.47 6.66 10.54
CA SER B 244 -22.50 5.65 11.57
C SER B 244 -23.84 4.92 11.52
N ASN B 245 -24.78 5.33 12.38
CA ASN B 245 -25.96 4.52 12.65
C ASN B 245 -27.22 5.11 12.01
N GLU B 246 -27.07 5.87 10.92
CA GLU B 246 -28.23 6.43 10.23
C GLU B 246 -29.17 5.29 9.83
N GLY B 247 -30.46 5.43 10.19
CA GLY B 247 -31.51 4.49 9.83
C GLY B 247 -31.77 3.41 10.88
N ALA B 248 -30.97 3.37 11.95
CA ALA B 248 -31.16 2.35 12.98
C ALA B 248 -32.54 2.47 13.62
N ASP B 249 -33.07 3.70 13.70
CA ASP B 249 -34.40 3.99 14.20
C ASP B 249 -35.46 3.22 13.38
N GLN B 250 -35.29 3.19 12.06
CA GLN B 250 -36.24 2.51 11.18
C GLN B 250 -36.15 0.99 11.34
N VAL B 251 -34.96 0.48 11.71
CA VAL B 251 -34.79 -0.94 11.92
C VAL B 251 -35.63 -1.36 13.12
N LEU B 252 -35.54 -0.57 14.21
CA LEU B 252 -36.33 -0.80 15.40
C LEU B 252 -37.82 -0.68 15.06
N ALA B 253 -38.17 0.36 14.28
CA ALA B 253 -39.57 0.68 14.02
C ALA B 253 -40.25 -0.46 13.25
N ALA B 254 -39.50 -1.16 12.38
CA ALA B 254 -40.04 -2.27 11.61
C ALA B 254 -40.53 -3.42 12.51
N HIS B 255 -39.90 -3.60 13.68
CA HIS B 255 -40.32 -4.62 14.62
C HIS B 255 -40.02 -4.17 16.04
N PRO B 256 -40.88 -3.30 16.64
CA PRO B 256 -40.67 -2.78 17.98
C PRO B 256 -40.29 -3.89 18.95
N TRP B 257 -39.31 -3.59 19.80
CA TRP B 257 -38.72 -4.59 20.66
C TRP B 257 -38.18 -3.92 21.91
N VAL B 258 -38.23 -4.65 23.02
CA VAL B 258 -37.91 -4.09 24.32
C VAL B 258 -36.73 -4.86 24.89
N PRO B 259 -35.74 -4.19 25.52
CA PRO B 259 -34.61 -4.89 26.10
C PRO B 259 -35.07 -5.95 27.09
N GLY B 260 -34.27 -7.01 27.22
CA GLY B 260 -34.59 -8.09 28.12
C GLY B 260 -33.68 -9.29 27.86
N GLY B 261 -34.23 -10.49 28.11
CA GLY B 261 -33.50 -11.73 27.99
C GLY B 261 -34.38 -12.93 28.34
N ASN B 262 -33.90 -14.12 27.98
CA ASN B 262 -34.52 -15.36 28.42
C ASN B 262 -34.22 -15.55 29.91
N ALA B 263 -35.26 -15.73 30.73
CA ALA B 263 -35.07 -15.88 32.17
C ALA B 263 -34.91 -17.36 32.53
N ASP B 264 -34.17 -17.59 33.63
CA ASP B 264 -34.16 -18.85 34.36
C ASP B 264 -33.65 -19.99 33.47
N ASN B 265 -32.58 -19.71 32.71
CA ASN B 265 -31.90 -20.69 31.88
C ASN B 265 -32.90 -21.50 31.03
N GLN B 266 -33.89 -20.83 30.44
CA GLN B 266 -34.89 -21.51 29.61
C GLN B 266 -35.10 -20.76 28.30
N VAL B 267 -35.30 -21.52 27.22
CA VAL B 267 -35.65 -20.96 25.92
C VAL B 267 -37.11 -20.51 25.91
N ASN B 268 -37.43 -19.69 24.91
CA ASN B 268 -38.76 -19.12 24.69
C ASN B 268 -39.32 -18.53 25.98
N ASN B 269 -38.50 -17.77 26.69
CA ASN B 269 -38.86 -17.27 28.00
C ASN B 269 -38.29 -15.85 28.17
N TYR B 270 -38.59 -15.00 27.19
CA TYR B 270 -38.04 -13.66 27.15
C TYR B 270 -38.84 -12.73 28.08
N VAL B 271 -38.16 -12.11 29.05
CA VAL B 271 -38.75 -11.16 29.97
C VAL B 271 -38.12 -9.79 29.76
N GLU B 272 -38.96 -8.74 29.71
CA GLU B 272 -38.50 -7.38 29.57
CA GLU B 272 -38.53 -7.36 29.58
C GLU B 272 -37.72 -6.98 30.82
N ASP B 273 -36.71 -6.11 30.64
CA ASP B 273 -35.98 -5.50 31.74
C ASP B 273 -36.24 -4.00 31.67
N PRO B 274 -37.12 -3.44 32.54
CA PRO B 274 -37.50 -2.02 32.41
C PRO B 274 -36.41 -1.05 32.86
N ASP B 275 -35.37 -1.55 33.55
CA ASP B 275 -34.26 -0.73 34.00
C ASP B 275 -33.18 -0.56 32.92
N SER B 276 -33.22 -1.37 31.85
CA SER B 276 -32.21 -1.34 30.81
C SER B 276 -32.25 0.00 30.07
N ALA B 277 -31.10 0.40 29.53
CA ALA B 277 -31.07 1.43 28.50
C ALA B 277 -31.99 1.03 27.35
N ASP B 278 -32.51 2.04 26.65
CA ASP B 278 -33.18 1.89 25.37
C ASP B 278 -32.94 3.18 24.60
N PHE B 279 -33.61 3.36 23.45
CA PHE B 279 -33.25 4.45 22.56
C PHE B 279 -33.77 5.80 23.03
N THR B 280 -34.68 5.82 24.02
CA THR B 280 -35.09 7.09 24.62
C THR B 280 -34.49 7.24 26.02
N HIS B 281 -33.63 6.28 26.43
CA HIS B 281 -32.97 6.31 27.73
C HIS B 281 -31.49 5.95 27.56
N LEU B 282 -30.77 6.67 26.70
CA LEU B 282 -29.43 6.28 26.29
C LEU B 282 -28.42 6.47 27.41
N CYS B 283 -28.62 7.48 28.27
CA CYS B 283 -27.66 7.79 29.33
C CYS B 283 -27.56 6.62 30.33
N ARG B 284 -28.58 5.77 30.41
CA ARG B 284 -28.50 4.59 31.25
C ARG B 284 -27.37 3.67 30.78
N LEU B 285 -27.11 3.63 29.48
CA LEU B 285 -26.00 2.84 28.96
C LEU B 285 -24.71 3.39 29.57
N TYR B 286 -24.55 4.73 29.54
CA TYR B 286 -23.36 5.37 30.10
C TYR B 286 -23.20 5.00 31.58
N GLU B 287 -24.26 5.15 32.37
CA GLU B 287 -24.19 4.90 33.81
C GLU B 287 -23.89 3.42 34.06
N PHE B 288 -24.55 2.54 33.31
CA PHE B 288 -24.37 1.11 33.47
C PHE B 288 -22.90 0.75 33.29
N VAL B 289 -22.29 1.28 32.22
CA VAL B 289 -20.91 0.96 31.89
C VAL B 289 -19.96 1.53 32.94
N VAL B 290 -20.23 2.75 33.43
CA VAL B 290 -19.39 3.30 34.49
C VAL B 290 -19.41 2.36 35.70
N GLY B 291 -20.61 1.85 36.03
CA GLY B 291 -20.76 0.84 37.06
C GLY B 291 -19.94 -0.42 36.76
N SER B 292 -20.01 -0.91 35.52
CA SER B 292 -19.24 -2.10 35.13
C SER B 292 -17.75 -1.85 35.30
N VAL B 293 -17.28 -0.65 34.94
CA VAL B 293 -15.88 -0.31 35.06
C VAL B 293 -15.44 -0.39 36.53
N GLN B 294 -16.30 0.09 37.44
CA GLN B 294 -15.98 0.07 38.87
C GLN B 294 -15.88 -1.37 39.37
N GLU B 295 -16.73 -2.26 38.85
CA GLU B 295 -16.66 -3.68 39.21
C GLU B 295 -15.35 -4.31 38.73
N LEU B 296 -14.86 -3.90 37.55
CA LEU B 296 -13.57 -4.40 37.05
C LEU B 296 -12.41 -3.81 37.84
N TYR B 297 -12.55 -2.56 38.27
CA TYR B 297 -11.46 -1.82 38.88
C TYR B 297 -11.95 -1.17 40.19
N PRO B 298 -12.17 -1.96 41.25
CA PRO B 298 -12.77 -1.45 42.48
C PRO B 298 -11.90 -0.49 43.28
N ASN B 299 -10.58 -0.59 43.17
CA ASN B 299 -9.67 0.23 43.95
C ASN B 299 -8.35 0.42 43.22
N PRO B 300 -8.33 1.08 42.04
CA PRO B 300 -7.08 1.30 41.32
C PRO B 300 -6.25 2.40 41.99
N THR B 301 -4.93 2.32 41.76
CA THR B 301 -3.97 3.31 42.24
C THR B 301 -3.01 3.61 41.10
N GLY B 302 -2.21 4.66 41.24
CA GLY B 302 -1.10 4.91 40.33
C GLY B 302 -1.57 5.27 38.92
N ILE B 303 -0.78 4.85 37.92
CA ILE B 303 -1.05 5.16 36.53
C ILE B 303 -2.35 4.49 36.10
N LEU B 304 -2.68 3.30 36.61
CA LEU B 304 -3.96 2.67 36.30
C LEU B 304 -5.11 3.60 36.68
N ARG B 305 -5.07 4.17 37.89
CA ARG B 305 -6.13 5.07 38.32
C ARG B 305 -6.18 6.28 37.40
N ARG B 306 -5.01 6.85 37.15
CA ARG B 306 -4.91 8.06 36.34
C ARG B 306 -5.49 7.78 34.94
N ASN B 307 -5.09 6.64 34.36
CA ASN B 307 -5.48 6.31 33.00
C ASN B 307 -6.97 5.99 32.95
N LEU B 308 -7.52 5.40 34.02
CA LEU B 308 -8.95 5.19 34.10
C LEU B 308 -9.70 6.51 34.06
N ILE B 309 -9.23 7.47 34.86
CA ILE B 309 -9.89 8.75 34.94
C ILE B 309 -9.92 9.41 33.55
N LYS B 310 -8.78 9.41 32.88
CA LYS B 310 -8.64 10.02 31.56
C LYS B 310 -9.53 9.32 30.52
N ASN B 311 -9.47 7.98 30.46
CA ASN B 311 -10.23 7.22 29.48
C ASN B 311 -11.72 7.41 29.71
N LEU B 312 -12.16 7.46 30.98
CA LEU B 312 -13.56 7.69 31.27
C LEU B 312 -13.98 9.05 30.71
N HIS B 313 -13.14 10.06 30.92
CA HIS B 313 -13.43 11.39 30.41
C HIS B 313 -13.47 11.38 28.88
N TYR B 314 -12.50 10.72 28.25
CA TYR B 314 -12.48 10.65 26.78
C TYR B 314 -13.77 10.03 26.27
N TRP B 315 -14.20 8.94 26.91
CA TRP B 315 -15.43 8.28 26.52
C TRP B 315 -16.60 9.25 26.63
N TRP B 316 -16.68 9.94 27.77
CA TRP B 316 -17.75 10.89 27.99
C TRP B 316 -17.79 11.96 26.91
N THR B 317 -16.64 12.43 26.42
CA THR B 317 -16.64 13.48 25.39
C THR B 317 -17.44 13.01 24.17
N GLY B 318 -17.34 11.71 23.82
CA GLY B 318 -18.14 11.20 22.73
C GLY B 318 -19.60 10.95 23.12
N VAL B 319 -19.77 10.31 24.28
CA VAL B 319 -21.10 9.97 24.76
C VAL B 319 -21.97 11.23 24.87
N ASN B 320 -21.37 12.32 25.38
CA ASN B 320 -22.13 13.53 25.66
C ASN B 320 -22.82 14.02 24.37
N VAL B 321 -22.09 13.96 23.25
CA VAL B 321 -22.63 14.40 21.97
C VAL B 321 -23.57 13.32 21.44
N ALA B 322 -23.09 12.07 21.35
CA ALA B 322 -23.84 11.03 20.67
C ALA B 322 -25.18 10.77 21.34
N PHE B 323 -25.24 10.89 22.68
CA PHE B 323 -26.45 10.53 23.40
C PHE B 323 -27.31 11.75 23.73
N GLY B 324 -26.89 12.94 23.28
CA GLY B 324 -27.68 14.15 23.46
C GLY B 324 -27.62 14.69 24.89
N GLY B 325 -26.48 14.51 25.57
CA GLY B 325 -26.24 15.12 26.88
C GLY B 325 -26.37 14.12 28.03
N CYS B 326 -25.26 13.80 28.68
CA CYS B 326 -25.27 12.96 29.88
C CYS B 326 -24.37 13.62 30.91
N ASP B 327 -24.82 13.57 32.17
CA ASP B 327 -24.03 14.13 33.26
C ASP B 327 -22.80 13.25 33.44
N GLU B 328 -21.61 13.85 33.34
CA GLU B 328 -20.38 13.11 33.51
C GLU B 328 -20.27 12.59 34.93
N LEU B 329 -19.81 11.34 35.04
CA LEU B 329 -19.56 10.70 36.32
C LEU B 329 -18.04 10.64 36.52
N PHE B 330 -17.64 10.73 37.79
CA PHE B 330 -16.24 10.75 38.17
C PHE B 330 -16.03 9.72 39.28
N PRO B 331 -16.14 8.41 38.97
CA PRO B 331 -16.05 7.37 39.98
C PRO B 331 -14.74 7.32 40.75
N TYR B 332 -13.66 7.91 40.22
CA TYR B 332 -12.37 7.92 40.89
C TYR B 332 -11.90 9.35 41.19
N GLY B 333 -12.82 10.32 41.21
CA GLY B 333 -12.46 11.72 41.40
C GLY B 333 -11.79 12.31 40.15
N GLN B 334 -10.98 13.37 40.35
CA GLN B 334 -10.26 14.06 39.29
C GLN B 334 -8.75 13.86 39.44
N LEU B 335 -7.98 14.36 38.46
CA LEU B 335 -6.54 14.15 38.45
C LEU B 335 -5.85 15.02 39.52
N GLN C 1 -10.39 16.09 -12.92
CA GLN C 1 -10.29 17.58 -12.91
C GLN C 1 -9.05 18.02 -12.14
N GLY C 2 -8.48 19.16 -12.55
CA GLY C 2 -7.27 19.71 -11.97
C GLY C 2 -6.71 20.82 -12.86
N VAL C 3 -5.41 21.06 -12.76
CA VAL C 3 -4.75 22.12 -13.52
C VAL C 3 -3.78 21.50 -14.51
N ASP C 4 -3.62 22.15 -15.66
CA ASP C 4 -2.58 21.78 -16.62
C ASP C 4 -1.35 22.65 -16.37
N PRO C 5 -0.24 22.12 -15.81
CA PRO C 5 0.84 22.98 -15.30
C PRO C 5 1.72 23.54 -16.41
N PRO C 6 1.91 24.89 -16.48
CA PRO C 6 2.69 25.52 -17.55
C PRO C 6 4.17 25.27 -17.34
N PRO C 7 5.01 25.36 -18.38
CA PRO C 7 6.45 25.28 -18.20
C PRO C 7 6.93 26.44 -17.35
N PRO C 8 8.08 26.31 -16.65
CA PRO C 8 8.57 27.38 -15.79
C PRO C 8 8.89 28.64 -16.59
N PRO C 9 8.77 29.83 -15.98
CA PRO C 9 9.29 31.06 -16.59
C PRO C 9 10.77 30.91 -16.89
N GLY C 10 11.24 31.66 -17.89
CA GLY C 10 12.67 31.86 -18.12
C GLY C 10 13.23 33.00 -17.26
N PRO C 11 14.51 33.38 -17.45
CA PRO C 11 15.11 34.48 -16.69
C PRO C 11 14.27 35.74 -16.85
N PRO C 12 14.33 36.69 -15.89
CA PRO C 12 13.59 37.95 -16.02
C PRO C 12 14.20 38.78 -17.15
N SER C 13 13.35 39.56 -17.84
CA SER C 13 13.78 40.43 -18.94
CA SER C 13 13.79 40.42 -18.94
C SER C 13 14.93 41.33 -18.50
N PHE C 14 14.80 41.91 -17.29
CA PHE C 14 15.82 42.79 -16.74
C PHE C 14 16.51 42.07 -15.59
N THR C 15 17.85 41.98 -15.63
CA THR C 15 18.62 41.24 -14.65
C THR C 15 19.57 42.14 -13.85
N GLY C 16 19.41 43.47 -13.93
CA GLY C 16 20.23 44.38 -13.15
C GLY C 16 19.65 44.61 -11.75
N THR C 17 20.31 45.48 -10.96
CA THR C 17 19.80 45.84 -9.63
C THR C 17 18.55 46.69 -9.80
N LYS C 18 17.73 46.70 -8.75
CA LYS C 18 16.54 47.55 -8.68
C LYS C 18 16.05 47.55 -7.23
N LEU C 19 15.25 48.55 -6.87
CA LEU C 19 14.60 48.60 -5.56
C LEU C 19 13.52 47.52 -5.55
N VAL C 20 13.57 46.60 -4.58
CA VAL C 20 12.54 45.55 -4.51
C VAL C 20 11.62 45.79 -3.31
N ASN C 21 12.13 46.48 -2.29
CA ASN C 21 11.32 46.89 -1.16
C ASN C 21 10.61 48.20 -1.52
N ASP C 22 9.56 48.12 -2.35
CA ASP C 22 9.00 49.28 -3.02
C ASP C 22 7.52 49.39 -2.64
N ALA C 23 6.84 50.40 -3.19
CA ALA C 23 5.51 50.76 -2.74
C ALA C 23 4.51 49.64 -3.06
N ASP C 24 4.76 48.93 -4.17
CA ASP C 24 3.85 47.89 -4.60
C ASP C 24 4.05 46.61 -3.78
N HIS C 25 5.16 46.50 -3.03
CA HIS C 25 5.51 45.29 -2.29
C HIS C 25 5.81 45.63 -0.83
N PRO C 26 4.82 46.16 -0.07
CA PRO C 26 5.06 46.51 1.34
C PRO C 26 5.09 45.27 2.23
N TRP C 27 5.96 45.27 3.23
CA TRP C 27 5.86 44.27 4.28
C TRP C 27 4.51 44.41 4.98
N GLN C 28 3.85 43.28 5.26
CA GLN C 28 2.64 43.25 6.05
C GLN C 28 2.68 42.08 7.02
N PRO C 29 2.09 42.24 8.22
CA PRO C 29 2.13 41.19 9.25
C PRO C 29 1.32 39.98 8.83
N LEU C 30 1.67 38.83 9.42
CA LEU C 30 0.96 37.58 9.18
C LEU C 30 -0.48 37.70 9.66
N ARG C 31 -1.41 37.18 8.86
CA ARG C 31 -2.78 37.00 9.27
C ARG C 31 -2.97 35.54 9.64
N GLU C 32 -4.03 35.26 10.40
CA GLU C 32 -4.49 33.90 10.65
C GLU C 32 -4.58 33.15 9.32
N GLY C 33 -4.03 31.94 9.27
CA GLY C 33 -4.13 31.13 8.06
C GLY C 33 -2.92 31.26 7.13
N ASP C 34 -2.18 32.37 7.25
CA ASP C 34 -0.99 32.57 6.43
C ASP C 34 0.08 31.56 6.80
N ILE C 35 0.76 31.02 5.78
CA ILE C 35 1.77 29.99 6.01
C ILE C 35 3.16 30.56 5.78
N ARG C 36 4.08 30.22 6.69
CA ARG C 36 5.49 30.51 6.52
C ARG C 36 6.24 29.25 6.92
N GLY C 37 7.52 29.11 6.54
CA GLY C 37 8.23 27.87 6.74
C GLY C 37 9.73 28.08 6.94
N PRO C 38 10.55 27.09 6.53
CA PRO C 38 11.98 27.10 6.84
C PRO C 38 12.86 27.97 5.95
N CYS C 39 12.24 28.53 4.90
CA CYS C 39 13.01 29.30 3.93
C CYS C 39 12.81 30.80 4.13
N PRO C 40 13.85 31.54 4.57
CA PRO C 40 13.73 32.99 4.76
C PRO C 40 13.53 33.74 3.44
N GLY C 41 14.02 33.19 2.32
CA GLY C 41 13.81 33.81 1.03
C GLY C 41 12.33 33.81 0.65
N LEU C 42 11.71 32.63 0.64
CA LEU C 42 10.29 32.52 0.31
C LEU C 42 9.43 33.27 1.35
N ASN C 43 9.80 33.17 2.62
CA ASN C 43 9.07 33.84 3.69
C ASN C 43 9.03 35.35 3.42
N THR C 44 10.18 35.95 3.09
CA THR C 44 10.27 37.39 2.84
C THR C 44 9.45 37.76 1.62
N LEU C 45 9.53 36.93 0.57
CA LEU C 45 8.79 37.20 -0.65
C LEU C 45 7.30 37.19 -0.37
N ALA C 46 6.84 36.27 0.47
CA ALA C 46 5.40 36.19 0.75
C ALA C 46 4.99 37.41 1.59
N SER C 47 5.81 37.79 2.56
CA SER C 47 5.43 38.88 3.46
C SER C 47 5.52 40.26 2.78
N HIS C 48 6.14 40.34 1.59
CA HIS C 48 6.14 41.57 0.79
C HIS C 48 5.21 41.49 -0.42
N GLY C 49 4.46 40.39 -0.56
CA GLY C 49 3.49 40.28 -1.64
C GLY C 49 4.12 39.93 -3.00
N TYR C 50 5.40 39.55 -3.06
CA TYR C 50 5.96 38.95 -4.27
C TYR C 50 5.33 37.57 -4.53
N LEU C 51 5.08 36.82 -3.45
CA LEU C 51 4.26 35.61 -3.48
C LEU C 51 2.90 35.94 -2.88
N PRO C 52 1.86 35.10 -3.08
CA PRO C 52 0.62 35.23 -2.32
C PRO C 52 0.95 35.30 -0.83
N ARG C 53 0.32 36.23 -0.12
CA ARG C 53 0.69 36.52 1.26
C ARG C 53 0.34 35.36 2.18
N ASP C 54 -0.54 34.47 1.73
CA ASP C 54 -0.87 33.28 2.53
C ASP C 54 0.17 32.17 2.38
N GLY C 55 1.21 32.36 1.57
CA GLY C 55 2.34 31.42 1.54
C GLY C 55 2.03 30.12 0.81
N VAL C 56 1.02 30.12 -0.05
CA VAL C 56 0.71 29.01 -0.93
C VAL C 56 0.76 29.54 -2.36
N ALA C 57 1.48 28.84 -3.24
CA ALA C 57 1.76 29.38 -4.56
C ALA C 57 1.98 28.25 -5.57
N THR C 58 1.91 28.62 -6.86
CA THR C 58 2.27 27.73 -7.95
C THR C 58 3.78 27.73 -8.09
N PRO C 59 4.37 26.66 -8.65
CA PRO C 59 5.80 26.68 -8.99
C PRO C 59 6.20 27.92 -9.79
N ALA C 60 5.37 28.28 -10.79
CA ALA C 60 5.64 29.41 -11.65
C ALA C 60 5.70 30.70 -10.84
N GLN C 61 4.75 30.89 -9.91
CA GLN C 61 4.76 32.05 -9.05
C GLN C 61 6.03 32.12 -8.21
N ILE C 62 6.51 30.97 -7.72
CA ILE C 62 7.68 30.92 -6.87
C ILE C 62 8.91 31.33 -7.68
N ILE C 63 9.03 30.78 -8.89
CA ILE C 63 10.20 31.06 -9.72
C ILE C 63 10.24 32.56 -10.03
N THR C 64 9.12 33.13 -10.46
CA THR C 64 9.06 34.54 -10.83
CA THR C 64 9.05 34.54 -10.83
C THR C 64 9.37 35.40 -9.61
N ALA C 65 8.84 35.02 -8.42
CA ALA C 65 9.03 35.80 -7.20
C ALA C 65 10.51 35.82 -6.79
N THR C 66 11.19 34.67 -6.87
CA THR C 66 12.59 34.60 -6.46
C THR C 66 13.46 35.44 -7.42
N GLN C 67 13.07 35.46 -8.69
CA GLN C 67 13.77 36.25 -9.70
C GLN C 67 13.51 37.74 -9.47
N GLU C 68 12.23 38.12 -9.35
CA GLU C 68 11.87 39.52 -9.25
C GLU C 68 12.41 40.12 -7.96
N GLY C 69 12.31 39.36 -6.85
CA GLY C 69 12.62 39.87 -5.52
C GLY C 69 14.09 39.80 -5.17
N PHE C 70 14.82 38.78 -5.64
CA PHE C 70 16.19 38.58 -5.22
C PHE C 70 17.17 38.37 -6.37
N ASN C 71 16.67 38.30 -7.62
CA ASN C 71 17.50 37.95 -8.77
C ASN C 71 18.10 36.56 -8.60
N PHE C 72 17.32 35.63 -8.04
CA PHE C 72 17.75 34.26 -7.97
C PHE C 72 17.88 33.75 -9.41
N GLU C 73 18.99 33.07 -9.72
CA GLU C 73 19.23 32.61 -11.09
C GLU C 73 18.17 31.57 -11.50
N ASN C 74 17.72 31.67 -12.75
CA ASN C 74 16.59 30.94 -13.28
C ASN C 74 16.69 29.42 -13.04
N ASN C 75 17.81 28.82 -13.41
CA ASN C 75 17.96 27.38 -13.30
C ASN C 75 18.06 26.96 -11.84
N ALA C 76 18.73 27.75 -10.99
CA ALA C 76 18.73 27.49 -9.56
C ALA C 76 17.30 27.56 -9.00
N ALA C 77 16.49 28.50 -9.50
CA ALA C 77 15.10 28.60 -9.06
C ALA C 77 14.31 27.38 -9.48
N ILE C 78 14.56 26.89 -10.70
CA ILE C 78 13.82 25.77 -11.24
C ILE C 78 14.21 24.52 -10.46
N VAL C 79 15.50 24.35 -10.16
CA VAL C 79 15.97 23.19 -9.44
C VAL C 79 15.34 23.14 -8.04
N ALA C 80 15.34 24.28 -7.33
CA ALA C 80 14.81 24.29 -5.99
C ALA C 80 13.29 24.12 -6.00
N THR C 81 12.61 24.81 -6.92
CA THR C 81 11.16 24.92 -6.86
C THR C 81 10.50 23.58 -7.17
N TYR C 82 10.93 22.91 -8.25
CA TYR C 82 10.28 21.68 -8.67
C TYR C 82 10.73 20.53 -7.76
N LEU C 83 11.93 20.60 -7.17
CA LEU C 83 12.31 19.65 -6.14
C LEU C 83 11.28 19.75 -4.99
N GLY C 84 11.06 20.96 -4.49
CA GLY C 84 10.07 21.18 -3.45
C GLY C 84 8.67 20.76 -3.88
N HIS C 85 8.29 21.06 -5.12
CA HIS C 85 6.93 20.78 -5.57
C HIS C 85 6.72 19.27 -5.76
N LEU C 86 7.66 18.59 -6.41
CA LEU C 86 7.52 17.16 -6.67
C LEU C 86 7.33 16.40 -5.35
N LEU C 87 8.16 16.71 -4.35
CA LEU C 87 8.18 16.01 -3.08
C LEU C 87 7.07 16.46 -2.14
N ASN C 88 6.72 17.76 -2.17
CA ASN C 88 5.97 18.37 -1.08
C ASN C 88 4.74 19.14 -1.56
N GLY C 89 4.52 19.23 -2.86
CA GLY C 89 3.40 19.99 -3.39
C GLY C 89 2.26 19.10 -3.87
N ASN C 90 1.17 19.75 -4.25
CA ASN C 90 0.04 19.06 -4.84
C ASN C 90 0.11 19.20 -6.36
N LEU C 91 0.36 18.07 -7.04
CA LEU C 91 0.67 18.07 -8.46
C LEU C 91 -0.59 18.29 -9.28
N VAL C 92 -1.75 17.96 -8.70
CA VAL C 92 -3.02 18.09 -9.38
C VAL C 92 -3.51 19.54 -9.35
N THR C 93 -3.42 20.21 -8.20
CA THR C 93 -3.85 21.60 -8.10
C THR C 93 -2.73 22.56 -8.48
N ASP C 94 -1.49 22.05 -8.59
CA ASP C 94 -0.31 22.87 -8.90
C ASP C 94 -0.04 23.89 -7.81
N LEU C 95 -0.20 23.49 -6.55
CA LEU C 95 0.03 24.40 -5.41
C LEU C 95 1.01 23.76 -4.43
N LEU C 96 1.90 24.60 -3.91
CA LEU C 96 2.89 24.21 -2.92
C LEU C 96 2.80 25.16 -1.72
N SER C 97 2.73 24.60 -0.52
CA SER C 97 2.85 25.34 0.73
C SER C 97 4.32 25.58 1.04
N ILE C 98 4.68 26.84 1.36
CA ILE C 98 6.07 27.13 1.69
C ILE C 98 6.38 26.74 3.13
N GLY C 99 5.37 26.23 3.85
CA GLY C 99 5.54 25.76 5.22
C GLY C 99 4.94 24.37 5.41
N GLY C 100 3.92 24.30 6.29
CA GLY C 100 3.31 23.04 6.66
C GLY C 100 2.00 22.79 5.91
N ALA C 101 1.25 21.78 6.37
CA ALA C 101 0.06 21.31 5.69
C ALA C 101 -1.05 22.35 5.79
N THR C 102 -1.87 22.43 4.75
CA THR C 102 -2.93 23.41 4.70
C THR C 102 -3.97 22.95 3.69
N PRO C 103 -5.28 23.15 3.96
CA PRO C 103 -6.30 22.86 2.95
C PRO C 103 -6.18 23.75 1.71
N LYS C 104 -5.43 24.84 1.80
CA LYS C 104 -5.24 25.74 0.66
C LYS C 104 -4.57 25.05 -0.54
N THR C 105 -3.88 23.92 -0.34
CA THR C 105 -3.26 23.22 -1.47
C THR C 105 -4.27 22.31 -2.14
N GLY C 106 -5.45 22.13 -1.53
CA GLY C 106 -6.55 21.37 -2.11
C GLY C 106 -6.62 19.95 -1.56
N PRO C 107 -7.49 19.09 -2.14
CA PRO C 107 -7.62 17.69 -1.72
C PRO C 107 -6.26 16.99 -1.64
N PRO C 108 -5.96 16.26 -0.54
CA PRO C 108 -4.69 15.57 -0.42
C PRO C 108 -4.51 14.51 -1.49
N PRO C 109 -3.26 14.26 -1.95
CA PRO C 109 -2.98 13.19 -2.91
C PRO C 109 -3.11 11.84 -2.22
N PRO C 110 -3.15 10.72 -2.98
CA PRO C 110 -3.09 9.39 -2.36
C PRO C 110 -1.78 9.15 -1.62
N PRO C 111 -1.81 8.63 -0.38
CA PRO C 111 -0.60 8.24 0.33
C PRO C 111 0.18 7.23 -0.50
N PRO C 112 1.52 7.13 -0.35
CA PRO C 112 2.29 7.89 0.64
C PRO C 112 2.62 9.35 0.30
N ALA C 113 2.14 9.85 -0.84
CA ALA C 113 2.27 11.28 -1.13
C ALA C 113 1.45 12.07 -0.12
N HIS C 114 1.83 13.33 0.10
CA HIS C 114 1.30 14.10 1.22
C HIS C 114 1.01 15.56 0.87
N ALA C 115 1.76 16.19 -0.05
CA ALA C 115 1.63 17.61 -0.32
C ALA C 115 1.69 18.41 0.99
N GLY C 116 2.61 18.03 1.87
CA GLY C 116 2.67 18.53 3.22
C GLY C 116 3.46 19.84 3.35
N GLY C 117 4.08 20.28 2.25
CA GLY C 117 4.80 21.54 2.24
C GLY C 117 6.28 21.38 2.56
N LEU C 118 7.00 22.49 2.45
CA LEU C 118 8.44 22.51 2.65
C LEU C 118 8.87 22.08 4.04
N ASN C 119 7.96 22.14 5.04
CA ASN C 119 8.29 21.73 6.39
C ASN C 119 8.59 20.23 6.49
N VAL C 120 8.15 19.42 5.51
CA VAL C 120 8.33 17.97 5.58
C VAL C 120 9.82 17.62 5.59
N HIS C 121 10.23 16.86 6.62
CA HIS C 121 11.62 16.54 6.89
C HIS C 121 12.09 15.29 6.15
N GLY C 122 13.35 15.25 5.71
CA GLY C 122 14.04 13.99 5.53
C GLY C 122 14.48 13.69 4.09
N THR C 123 13.82 14.26 3.08
CA THR C 123 14.29 14.12 1.70
C THR C 123 14.73 15.47 1.14
N PHE C 124 14.00 16.56 1.43
CA PHE C 124 14.45 17.92 1.12
C PHE C 124 14.91 18.62 2.41
N GLU C 125 14.00 19.24 3.18
CA GLU C 125 14.35 19.88 4.44
C GLU C 125 15.21 18.94 5.28
N GLY C 126 16.29 19.46 5.86
CA GLY C 126 17.18 18.64 6.66
C GLY C 126 17.95 19.44 7.71
N ASP C 127 19.01 18.81 8.22
CA ASP C 127 19.59 19.18 9.50
C ASP C 127 20.73 20.19 9.34
N ALA C 128 21.13 20.78 10.47
CA ALA C 128 22.29 21.67 10.56
C ALA C 128 22.07 22.98 9.79
N GLY C 129 20.83 23.49 9.84
CA GLY C 129 20.54 24.82 9.33
C GLY C 129 21.17 25.91 10.19
N MET C 130 21.15 27.15 9.66
CA MET C 130 21.77 28.31 10.30
C MET C 130 20.87 28.91 11.38
N THR C 131 19.58 29.14 11.07
CA THR C 131 18.68 29.78 12.03
C THR C 131 17.49 28.90 12.41
N ARG C 132 17.43 27.68 11.86
CA ARG C 132 16.40 26.71 12.21
C ARG C 132 17.07 25.49 12.85
N ALA C 133 16.40 24.88 13.86
CA ALA C 133 16.93 23.72 14.54
C ALA C 133 16.49 22.44 13.83
N ASP C 134 17.27 21.36 14.02
CA ASP C 134 16.96 20.06 13.44
C ASP C 134 15.58 19.59 13.88
N GLU C 135 14.92 18.84 12.99
CA GLU C 135 13.58 18.34 13.20
C GLU C 135 13.50 17.49 14.48
N PHE C 136 14.58 16.76 14.80
CA PHE C 136 14.62 15.93 15.99
C PHE C 136 14.24 16.71 17.24
N PHE C 137 14.60 18.00 17.33
CA PHE C 137 14.37 18.78 18.54
C PHE C 137 12.97 19.39 18.55
N GLY C 138 12.16 19.17 17.51
CA GLY C 138 10.73 19.40 17.61
C GLY C 138 10.18 20.52 16.72
N ASP C 139 11.03 21.36 16.13
CA ASP C 139 10.56 22.46 15.32
C ASP C 139 11.61 22.85 14.28
N ASN C 140 11.36 22.47 13.02
CA ASN C 140 12.35 22.60 11.96
C ASN C 140 12.11 23.86 11.12
N HIS C 141 11.14 24.70 11.53
CA HIS C 141 10.65 25.75 10.64
C HIS C 141 10.78 27.15 11.26
N SER C 142 10.57 27.27 12.59
CA SER C 142 10.61 28.56 13.25
C SER C 142 12.04 29.08 13.32
N PHE C 143 12.16 30.40 13.27
CA PHE C 143 13.38 31.06 13.65
C PHE C 143 13.74 30.68 15.09
N ASN C 144 15.04 30.45 15.33
CA ASN C 144 15.54 29.99 16.60
C ASN C 144 16.62 30.98 17.07
N GLN C 145 16.31 31.72 18.14
CA GLN C 145 17.16 32.81 18.61
C GLN C 145 18.54 32.30 19.07
N THR C 146 18.58 31.13 19.72
CA THR C 146 19.86 30.55 20.16
C THR C 146 20.77 30.37 18.95
N LEU C 147 20.25 29.79 17.86
CA LEU C 147 21.05 29.56 16.68
C LEU C 147 21.46 30.89 16.04
N PHE C 148 20.56 31.87 16.08
CA PHE C 148 20.88 33.20 15.56
C PHE C 148 21.98 33.84 16.39
N ASP C 149 21.97 33.64 17.72
CA ASP C 149 23.04 34.12 18.58
C ASP C 149 24.38 33.53 18.16
N LYS C 150 24.41 32.25 17.75
CA LYS C 150 25.62 31.62 17.25
C LYS C 150 26.06 32.25 15.93
N PHE C 151 25.10 32.49 15.04
CA PHE C 151 25.34 33.19 13.79
C PHE C 151 26.05 34.52 14.06
N VAL C 152 25.51 35.29 15.01
CA VAL C 152 26.09 36.56 15.40
C VAL C 152 27.49 36.34 15.96
N ASP C 153 27.63 35.36 16.84
CA ASP C 153 28.92 35.08 17.46
C ASP C 153 29.97 34.80 16.40
N PHE C 154 29.66 33.89 15.47
CA PHE C 154 30.59 33.50 14.42
C PHE C 154 30.89 34.71 13.51
N SER C 155 29.90 35.57 13.28
CA SER C 155 30.13 36.78 12.48
C SER C 155 31.09 37.73 13.21
N ASN C 156 30.94 37.84 14.54
CA ASN C 156 31.84 38.67 15.34
C ASN C 156 33.24 38.08 15.31
N ARG C 157 33.34 36.75 15.36
CA ARG C 157 34.62 36.08 15.51
C ARG C 157 35.41 36.03 14.21
N TYR C 158 34.74 35.87 13.06
CA TYR C 158 35.44 35.60 11.81
C TYR C 158 35.13 36.62 10.71
N GLY C 159 34.16 37.51 10.93
CA GLY C 159 33.75 38.42 9.86
C GLY C 159 33.69 39.88 10.29
N GLY C 160 34.38 40.23 11.38
CA GLY C 160 34.43 41.63 11.83
C GLY C 160 33.07 42.17 12.23
N GLY C 161 32.14 41.27 12.63
CA GLY C 161 30.78 41.66 13.01
C GLY C 161 29.77 41.50 11.88
N PHE C 162 30.24 41.01 10.73
CA PHE C 162 29.41 40.81 9.56
C PHE C 162 29.50 39.35 9.11
N TYR C 163 28.48 38.90 8.37
CA TYR C 163 28.49 37.57 7.79
C TYR C 163 29.14 37.65 6.41
N ASN C 164 30.24 36.92 6.23
CA ASN C 164 30.91 36.83 4.94
C ASN C 164 31.34 35.39 4.70
N LEU C 165 32.10 35.16 3.63
CA LEU C 165 32.40 33.81 3.17
C LEU C 165 33.21 33.03 4.22
N THR C 166 34.10 33.73 4.93
CA THR C 166 34.91 33.10 5.98
C THR C 166 33.97 32.61 7.08
N VAL C 167 33.01 33.44 7.46
CA VAL C 167 32.04 33.09 8.50
C VAL C 167 31.26 31.86 8.06
N ALA C 168 30.79 31.86 6.79
CA ALA C 168 30.02 30.75 6.23
C ALA C 168 30.77 29.43 6.40
N GLY C 169 32.06 29.43 6.05
CA GLY C 169 32.86 28.22 6.18
C GLY C 169 32.88 27.70 7.61
N GLU C 170 33.09 28.59 8.58
CA GLU C 170 33.24 28.20 9.98
C GLU C 170 31.89 27.77 10.53
N LEU C 171 30.84 28.50 10.20
CA LEU C 171 29.52 28.24 10.78
C LEU C 171 28.96 26.92 10.26
N ARG C 172 29.12 26.66 8.95
CA ARG C 172 28.62 25.44 8.34
C ARG C 172 29.17 24.21 9.10
N TYR C 173 30.49 24.19 9.33
CA TYR C 173 31.15 23.05 9.95
C TYR C 173 30.68 22.91 11.40
N SER C 174 30.68 24.03 12.13
CA SER C 174 30.33 24.03 13.55
C SER C 174 28.89 23.54 13.73
N ARG C 175 28.00 23.92 12.81
CA ARG C 175 26.62 23.46 12.87
C ARG C 175 26.53 21.96 12.62
N ILE C 176 27.34 21.44 11.69
CA ILE C 176 27.42 19.99 11.51
C ILE C 176 27.81 19.34 12.84
N GLN C 177 28.87 19.87 13.47
CA GLN C 177 29.38 19.31 14.72
C GLN C 177 28.31 19.35 15.82
N ASP C 178 27.54 20.46 15.94
CA ASP C 178 26.45 20.52 16.90
C ASP C 178 25.47 19.34 16.70
N SER C 179 25.08 19.11 15.45
CA SER C 179 24.11 18.06 15.15
C SER C 179 24.69 16.66 15.42
N ILE C 180 25.98 16.45 15.12
CA ILE C 180 26.60 15.17 15.40
C ILE C 180 26.50 14.88 16.90
N ALA C 181 26.82 15.89 17.71
CA ALA C 181 26.97 15.75 19.15
C ALA C 181 25.61 15.64 19.84
N THR C 182 24.52 16.14 19.24
CA THR C 182 23.28 16.28 19.99
C THR C 182 22.09 15.60 19.33
N ASN C 183 22.21 15.17 18.07
CA ASN C 183 21.06 14.68 17.34
C ASN C 183 21.35 13.26 16.88
N PRO C 184 20.75 12.23 17.53
CA PRO C 184 21.04 10.85 17.16
C PRO C 184 20.42 10.41 15.83
N GLU C 185 19.49 11.23 15.31
CA GLU C 185 18.86 10.99 14.01
C GLU C 185 19.48 11.88 12.92
N PHE C 186 20.60 12.55 13.23
CA PHE C 186 21.25 13.45 12.30
C PHE C 186 21.57 12.76 10.97
N GLN C 187 21.08 13.37 9.88
CA GLN C 187 21.34 12.94 8.51
C GLN C 187 21.93 14.12 7.73
N PHE C 188 22.94 13.85 6.89
CA PHE C 188 23.58 14.88 6.10
C PHE C 188 24.07 14.30 4.78
N LYS C 189 23.13 13.86 3.94
CA LYS C 189 23.44 13.17 2.71
C LYS C 189 22.42 13.55 1.62
N ASN C 190 22.70 13.09 0.40
CA ASN C 190 21.80 13.28 -0.73
C ASN C 190 21.40 14.74 -0.84
N VAL C 191 20.10 15.05 -0.87
CA VAL C 191 19.69 16.41 -1.19
C VAL C 191 20.30 17.36 -0.16
N ARG C 192 20.23 17.00 1.13
CA ARG C 192 20.62 17.92 2.18
C ARG C 192 22.10 18.28 2.06
N PHE C 193 22.94 17.31 1.71
CA PHE C 193 24.37 17.54 1.67
C PHE C 193 24.64 18.65 0.65
N ILE C 194 23.90 18.64 -0.46
CA ILE C 194 24.11 19.64 -1.51
C ILE C 194 23.52 20.98 -1.07
N THR C 195 22.28 20.98 -0.58
CA THR C 195 21.59 22.23 -0.30
C THR C 195 22.22 22.96 0.89
N ALA C 196 22.88 22.22 1.78
CA ALA C 196 23.38 22.79 3.01
C ALA C 196 24.57 23.72 2.77
N TYR C 197 25.27 23.56 1.64
CA TYR C 197 26.39 24.44 1.32
C TYR C 197 25.87 25.70 0.62
N GLY C 198 25.01 25.53 -0.40
CA GLY C 198 24.42 26.65 -1.09
C GLY C 198 23.72 27.61 -0.13
N GLU C 199 23.00 27.09 0.86
CA GLU C 199 22.20 27.92 1.75
C GLU C 199 23.09 28.91 2.50
N THR C 200 24.36 28.54 2.77
CA THR C 200 25.21 29.36 3.62
C THR C 200 25.81 30.51 2.81
N VAL C 201 25.72 30.46 1.47
CA VAL C 201 26.23 31.58 0.67
C VAL C 201 25.09 32.45 0.14
N PHE C 202 23.86 31.97 0.16
CA PHE C 202 22.75 32.79 -0.30
C PHE C 202 22.70 34.11 0.49
N PRO C 203 22.95 34.16 1.81
CA PRO C 203 22.92 35.45 2.51
C PRO C 203 23.94 36.47 1.98
N ILE C 204 25.09 35.99 1.50
CA ILE C 204 26.10 36.83 0.90
C ILE C 204 25.67 37.27 -0.49
N ASN C 205 25.25 36.32 -1.34
CA ASN C 205 25.01 36.59 -2.75
C ASN C 205 23.68 37.29 -2.95
N LEU C 206 22.68 37.06 -2.09
CA LEU C 206 21.33 37.52 -2.33
C LEU C 206 20.78 38.47 -1.25
N PHE C 207 21.26 38.37 0.00
CA PHE C 207 20.69 39.20 1.06
C PHE C 207 21.49 40.50 1.24
N VAL C 208 22.71 40.54 0.72
CA VAL C 208 23.50 41.76 0.67
C VAL C 208 22.99 42.62 -0.48
N ASP C 209 22.78 43.91 -0.20
CA ASP C 209 22.27 44.86 -1.17
C ASP C 209 23.10 44.83 -2.47
N GLY C 210 22.40 44.89 -3.61
CA GLY C 210 23.04 44.74 -4.92
C GLY C 210 23.91 45.93 -5.33
N ARG C 211 23.78 47.07 -4.62
CA ARG C 211 24.65 48.21 -4.84
C ARG C 211 26.02 48.02 -4.18
N VAL C 212 26.17 47.00 -3.34
CA VAL C 212 27.46 46.70 -2.74
C VAL C 212 28.24 45.77 -3.69
N THR C 213 29.35 46.27 -4.25
CA THR C 213 30.09 45.55 -5.29
C THR C 213 31.41 44.96 -4.78
N THR C 214 31.91 45.48 -3.65
CA THR C 214 33.17 44.98 -3.09
C THR C 214 32.94 44.55 -1.64
N ASP C 215 33.64 43.49 -1.21
CA ASP C 215 33.60 43.05 0.19
C ASP C 215 32.15 42.88 0.62
N ARG C 216 31.44 41.98 -0.07
CA ARG C 216 30.02 41.75 0.20
C ARG C 216 29.91 41.04 1.54
N LYS C 217 29.13 41.61 2.45
CA LYS C 217 29.00 41.09 3.79
C LYS C 217 27.66 41.56 4.35
N LEU C 218 27.03 40.73 5.19
CA LEU C 218 25.69 41.00 5.67
C LEU C 218 25.72 41.47 7.12
N SER C 219 25.07 42.61 7.41
CA SER C 219 24.97 43.13 8.77
C SER C 219 24.01 42.25 9.57
N MET C 220 24.17 42.25 10.90
CA MET C 220 23.33 41.44 11.76
C MET C 220 21.90 41.98 11.76
N GLU C 221 21.73 43.28 11.58
CA GLU C 221 20.41 43.89 11.51
C GLU C 221 19.66 43.38 10.28
N ASP C 222 20.32 43.37 9.13
CA ASP C 222 19.73 42.90 7.89
C ASP C 222 19.44 41.39 7.98
N ALA C 223 20.39 40.64 8.54
CA ALA C 223 20.19 39.22 8.76
C ALA C 223 18.94 38.98 9.61
N ALA C 224 18.80 39.69 10.73
CA ALA C 224 17.66 39.48 11.61
C ALA C 224 16.37 39.84 10.88
N SER C 225 16.41 40.94 10.15
CA SER C 225 15.24 41.40 9.43
C SER C 225 14.70 40.31 8.49
N ILE C 226 15.59 39.62 7.77
CA ILE C 226 15.18 38.61 6.80
C ILE C 226 14.89 37.28 7.50
N PHE C 227 15.86 36.77 8.27
CA PHE C 227 15.76 35.46 8.89
C PHE C 227 14.67 35.39 9.94
N ARG C 228 14.47 36.48 10.71
CA ARG C 228 13.46 36.47 11.76
C ARG C 228 12.17 37.09 11.23
N ASP C 229 12.23 38.34 10.75
CA ASP C 229 11.02 39.12 10.53
C ASP C 229 10.46 38.98 9.12
N MET C 230 11.17 38.30 8.22
CA MET C 230 10.69 38.10 6.86
C MET C 230 10.52 39.44 6.15
N ARG C 231 11.46 40.37 6.39
CA ARG C 231 11.34 41.74 5.91
C ARG C 231 12.64 42.15 5.23
N PHE C 232 12.49 42.68 4.01
CA PHE C 232 13.64 43.29 3.34
C PHE C 232 14.18 44.43 4.18
N PRO C 233 15.51 44.64 4.22
CA PRO C 233 16.07 45.91 4.67
C PRO C 233 15.37 47.09 4.01
N ASP C 234 15.34 48.22 4.72
CA ASP C 234 14.87 49.47 4.14
C ASP C 234 15.64 49.76 2.85
N ASP C 235 14.90 50.14 1.80
CA ASP C 235 15.49 50.53 0.54
C ASP C 235 16.31 49.40 -0.11
N PHE C 236 15.96 48.13 0.18
CA PHE C 236 16.76 47.03 -0.33
C PHE C 236 16.73 46.95 -1.85
N HIS C 237 17.93 46.88 -2.45
CA HIS C 237 18.09 46.61 -3.87
C HIS C 237 18.65 45.21 -4.06
N ARG C 238 18.01 44.44 -4.93
CA ARG C 238 18.44 43.06 -5.18
C ARG C 238 19.81 43.03 -5.83
N SER C 239 20.42 41.83 -5.82
CA SER C 239 21.65 41.54 -6.54
C SER C 239 21.61 42.15 -7.94
N ALA C 240 22.76 42.67 -8.38
CA ALA C 240 22.90 43.33 -9.67
C ALA C 240 23.02 42.30 -10.80
N VAL C 241 23.22 41.03 -10.46
CA VAL C 241 23.31 39.93 -11.42
C VAL C 241 22.48 38.76 -10.90
N PRO C 242 21.92 37.89 -11.77
CA PRO C 242 21.36 36.61 -11.32
C PRO C 242 22.42 35.90 -10.50
N ALA C 243 22.01 35.31 -9.38
CA ALA C 243 22.98 34.63 -8.54
C ALA C 243 22.31 33.50 -7.77
N SER C 244 23.17 32.63 -7.21
CA SER C 244 22.71 31.51 -6.42
C SER C 244 23.83 31.10 -5.45
N ASN C 245 24.57 30.06 -5.81
CA ASN C 245 25.44 29.37 -4.86
C ASN C 245 26.92 29.66 -5.11
N GLU C 246 27.23 30.81 -5.70
CA GLU C 246 28.62 31.21 -5.90
C GLU C 246 29.37 31.20 -4.55
N GLY C 247 30.50 30.49 -4.50
CA GLY C 247 31.35 30.45 -3.31
C GLY C 247 31.10 29.23 -2.42
N ALA C 248 30.06 28.44 -2.70
CA ALA C 248 29.74 27.27 -1.90
C ALA C 248 30.91 26.28 -1.88
N ASP C 249 31.66 26.21 -2.99
CA ASP C 249 32.85 25.39 -3.10
C ASP C 249 33.89 25.75 -2.04
N GLN C 250 34.07 27.05 -1.79
CA GLN C 250 35.03 27.50 -0.80
C GLN C 250 34.55 27.19 0.62
N VAL C 251 33.23 27.14 0.83
CA VAL C 251 32.69 26.81 2.14
C VAL C 251 33.06 25.37 2.47
N LEU C 252 32.88 24.46 1.50
CA LEU C 252 33.25 23.07 1.64
C LEU C 252 34.76 22.97 1.84
N ALA C 253 35.54 23.73 1.06
CA ALA C 253 36.99 23.58 1.06
C ALA C 253 37.57 23.98 2.43
N ALA C 254 36.94 24.94 3.12
CA ALA C 254 37.40 25.36 4.44
C ALA C 254 37.33 24.23 5.46
N HIS C 255 36.39 23.30 5.31
CA HIS C 255 36.29 22.15 6.19
C HIS C 255 35.72 20.96 5.42
N PRO C 256 36.57 20.26 4.62
CA PRO C 256 36.12 19.13 3.82
C PRO C 256 35.25 18.20 4.63
N TRP C 257 34.18 17.73 4.00
CA TRP C 257 33.19 16.94 4.70
C TRP C 257 32.51 16.01 3.71
N VAL C 258 32.11 14.84 4.20
CA VAL C 258 31.62 13.79 3.33
C VAL C 258 30.19 13.49 3.76
N PRO C 259 29.25 13.29 2.80
CA PRO C 259 27.87 12.97 3.16
C PRO C 259 27.81 11.75 4.08
N GLY C 260 26.81 11.71 4.95
CA GLY C 260 26.62 10.62 5.87
C GLY C 260 25.57 10.97 6.92
N GLY C 261 25.73 10.40 8.12
CA GLY C 261 24.81 10.58 9.23
C GLY C 261 25.27 9.83 10.48
N ASN C 262 24.64 10.12 11.61
CA ASN C 262 24.82 9.34 12.82
C ASN C 262 24.11 8.00 12.65
N ALA C 263 24.83 6.87 12.84
CA ALA C 263 24.23 5.55 12.70
C ALA C 263 23.63 5.06 14.03
N ASP C 264 22.59 4.21 13.90
CA ASP C 264 22.08 3.38 14.97
C ASP C 264 21.57 4.22 16.14
N ASN C 265 20.84 5.30 15.82
CA ASN C 265 20.20 6.16 16.81
C ASN C 265 21.17 6.56 17.93
N GLN C 266 22.43 6.89 17.58
CA GLN C 266 23.42 7.28 18.57
C GLN C 266 24.14 8.56 18.15
N VAL C 267 24.44 9.42 19.12
CA VAL C 267 25.23 10.62 18.89
C VAL C 267 26.70 10.26 18.74
N ASN C 268 27.46 11.22 18.20
CA ASN C 268 28.88 11.10 17.93
C ASN C 268 29.21 9.79 17.22
N ASN C 269 28.42 9.47 16.20
CA ASN C 269 28.54 8.18 15.52
C ASN C 269 28.30 8.39 14.03
N TYR C 270 29.04 9.35 13.46
CA TYR C 270 28.84 9.75 12.08
C TYR C 270 29.57 8.78 11.15
N VAL C 271 28.82 8.14 10.25
CA VAL C 271 29.36 7.23 9.26
C VAL C 271 29.11 7.81 7.88
N GLU C 272 30.16 7.81 7.06
CA GLU C 272 30.10 8.26 5.67
C GLU C 272 29.18 7.33 4.88
N ASP C 273 28.50 7.92 3.88
CA ASP C 273 27.70 7.17 2.93
C ASP C 273 28.31 7.38 1.55
N PRO C 274 29.05 6.39 1.01
CA PRO C 274 29.76 6.58 -0.27
C PRO C 274 28.84 6.59 -1.49
N ASP C 275 27.57 6.17 -1.32
CA ASP C 275 26.60 6.15 -2.41
C ASP C 275 25.89 7.49 -2.59
N SER C 276 26.00 8.40 -1.60
CA SER C 276 25.31 9.67 -1.64
C SER C 276 25.84 10.54 -2.78
N ALA C 277 24.98 11.41 -3.30
CA ALA C 277 25.43 12.53 -4.11
C ALA C 277 26.48 13.33 -3.34
N ASP C 278 27.36 13.99 -4.10
CA ASP C 278 28.27 15.00 -3.60
C ASP C 278 28.53 15.98 -4.75
N PHE C 279 29.46 16.91 -4.57
CA PHE C 279 29.62 18.02 -5.50
C PHE C 279 30.29 17.60 -6.81
N THR C 280 30.90 16.41 -6.88
CA THR C 280 31.44 15.90 -8.13
C THR C 280 30.57 14.76 -8.66
N HIS C 281 29.45 14.46 -7.98
CA HIS C 281 28.52 13.41 -8.39
C HIS C 281 27.09 13.94 -8.26
N LEU C 282 26.81 15.05 -8.97
CA LEU C 282 25.55 15.75 -8.81
C LEU C 282 24.38 14.98 -9.41
N CYS C 283 24.61 14.23 -10.48
CA CYS C 283 23.52 13.52 -11.16
C CYS C 283 22.91 12.46 -10.25
N ARG C 284 23.66 11.98 -9.24
CA ARG C 284 23.10 11.08 -8.26
C ARG C 284 21.94 11.72 -7.51
N LEU C 285 22.02 13.03 -7.26
CA LEU C 285 20.94 13.74 -6.58
C LEU C 285 19.69 13.63 -7.46
N TYR C 286 19.85 13.86 -8.77
CA TYR C 286 18.74 13.78 -9.72
C TYR C 286 18.09 12.40 -9.65
N GLU C 287 18.90 11.35 -9.77
CA GLU C 287 18.39 9.98 -9.77
C GLU C 287 17.71 9.66 -8.44
N PHE C 288 18.34 10.06 -7.33
CA PHE C 288 17.82 9.80 -6.00
C PHE C 288 16.41 10.39 -5.88
N VAL C 289 16.24 11.65 -6.29
CA VAL C 289 14.96 12.33 -6.16
C VAL C 289 13.92 11.70 -7.07
N VAL C 290 14.30 11.31 -8.29
CA VAL C 290 13.34 10.63 -9.15
C VAL C 290 12.86 9.35 -8.45
N GLY C 291 13.77 8.62 -7.84
CA GLY C 291 13.45 7.46 -7.01
C GLY C 291 12.49 7.81 -5.87
N SER C 292 12.76 8.92 -5.17
CA SER C 292 11.88 9.35 -4.09
C SER C 292 10.47 9.66 -4.62
N VAL C 293 10.39 10.28 -5.80
CA VAL C 293 9.09 10.59 -6.38
C VAL C 293 8.31 9.30 -6.67
N GLN C 294 9.02 8.27 -7.17
CA GLN C 294 8.38 7.00 -7.47
C GLN C 294 7.83 6.35 -6.21
N GLU C 295 8.54 6.51 -5.08
CA GLU C 295 8.08 5.98 -3.80
C GLU C 295 6.81 6.69 -3.36
N LEU C 296 6.72 8.00 -3.59
CA LEU C 296 5.53 8.77 -3.25
C LEU C 296 4.36 8.43 -4.17
N TYR C 297 4.68 8.14 -5.45
CA TYR C 297 3.66 7.98 -6.48
C TYR C 297 3.95 6.69 -7.27
N PRO C 298 3.69 5.51 -6.67
CA PRO C 298 4.13 4.24 -7.24
C PRO C 298 3.44 3.82 -8.53
N ASN C 299 2.19 4.24 -8.74
CA ASN C 299 1.44 3.79 -9.91
C ASN C 299 0.35 4.79 -10.30
N PRO C 300 0.69 6.05 -10.61
CA PRO C 300 -0.31 7.05 -10.98
C PRO C 300 -0.86 6.83 -12.39
N THR C 301 -2.08 7.32 -12.59
CA THR C 301 -2.75 7.35 -13.88
C THR C 301 -3.42 8.73 -14.01
N GLY C 302 -3.99 9.01 -15.18
CA GLY C 302 -4.84 10.19 -15.36
C GLY C 302 -4.05 11.50 -15.26
N ILE C 303 -4.71 12.52 -14.72
CA ILE C 303 -4.17 13.86 -14.59
C ILE C 303 -2.94 13.83 -13.68
N LEU C 304 -3.01 13.03 -12.61
CA LEU C 304 -1.87 12.94 -11.69
C LEU C 304 -0.64 12.47 -12.46
N ARG C 305 -0.78 11.42 -13.27
CA ARG C 305 0.34 10.91 -14.05
C ARG C 305 0.85 12.00 -14.98
N ARG C 306 -0.06 12.64 -15.67
CA ARG C 306 0.31 13.66 -16.66
C ARG C 306 1.08 14.78 -15.98
N ASN C 307 0.57 15.24 -14.83
CA ASN C 307 1.19 16.36 -14.14
C ASN C 307 2.55 15.96 -13.56
N LEU C 308 2.68 14.69 -13.14
CA LEU C 308 3.98 14.19 -12.71
C LEU C 308 4.98 14.22 -13.87
N ILE C 309 4.56 13.75 -15.04
CA ILE C 309 5.46 13.69 -16.18
C ILE C 309 5.98 15.10 -16.51
N LYS C 310 5.06 16.07 -16.53
CA LYS C 310 5.41 17.44 -16.84
C LYS C 310 6.37 18.04 -15.83
N ASN C 311 6.02 17.91 -14.54
CA ASN C 311 6.83 18.50 -13.50
C ASN C 311 8.22 17.88 -13.48
N LEU C 312 8.30 16.57 -13.69
CA LEU C 312 9.60 15.90 -13.74
C LEU C 312 10.44 16.50 -14.86
N HIS C 313 9.83 16.69 -16.04
CA HIS C 313 10.54 17.27 -17.17
C HIS C 313 10.97 18.70 -16.86
N TYR C 314 10.09 19.49 -16.25
CA TYR C 314 10.44 20.87 -15.92
C TYR C 314 11.66 20.88 -15.00
N TRP C 315 11.64 20.00 -13.99
CA TRP C 315 12.76 19.92 -13.07
C TRP C 315 14.03 19.58 -13.84
N TRP C 316 13.94 18.57 -14.73
CA TRP C 316 15.10 18.15 -15.49
C TRP C 316 15.68 19.33 -16.29
N THR C 317 14.84 20.20 -16.86
CA THR C 317 15.35 21.33 -17.65
C THR C 317 16.30 22.18 -16.80
N GLY C 318 15.99 22.33 -15.50
CA GLY C 318 16.89 23.05 -14.60
C GLY C 318 18.12 22.24 -14.22
N VAL C 319 17.89 20.97 -13.86
CA VAL C 319 18.97 20.10 -13.44
C VAL C 319 20.01 19.97 -14.55
N ASN C 320 19.56 19.86 -15.80
CA ASN C 320 20.46 19.59 -16.90
C ASN C 320 21.54 20.68 -16.99
N VAL C 321 21.11 21.93 -16.81
CA VAL C 321 22.03 23.05 -16.85
C VAL C 321 22.79 23.14 -15.53
N ALA C 322 22.08 23.14 -14.40
CA ALA C 322 22.72 23.41 -13.13
C ALA C 322 23.73 22.33 -12.75
N PHE C 323 23.50 21.08 -13.16
CA PHE C 323 24.37 19.99 -12.76
C PHE C 323 25.35 19.62 -13.86
N GLY C 324 25.37 20.35 -14.98
CA GLY C 324 26.35 20.13 -16.02
C GLY C 324 26.06 18.89 -16.87
N GLY C 325 24.78 18.53 -17.02
CA GLY C 325 24.35 17.47 -17.93
C GLY C 325 23.99 16.18 -17.21
N CYS C 326 22.71 15.82 -17.22
CA CYS C 326 22.24 14.55 -16.67
C CYS C 326 21.26 13.96 -17.68
N ASP C 327 21.36 12.65 -17.90
CA ASP C 327 20.40 11.95 -18.73
C ASP C 327 19.04 11.96 -18.03
N GLU C 328 18.05 12.44 -18.76
CA GLU C 328 16.69 12.51 -18.27
C GLU C 328 16.13 11.09 -18.08
N LEU C 329 15.41 10.91 -16.98
CA LEU C 329 14.69 9.69 -16.66
C LEU C 329 13.20 9.89 -16.91
N PHE C 330 12.52 8.80 -17.28
CA PHE C 330 11.12 8.84 -17.63
C PHE C 330 10.39 7.75 -16.85
N PRO C 331 10.24 7.91 -15.51
CA PRO C 331 9.63 6.86 -14.68
C PRO C 331 8.18 6.54 -15.04
N TYR C 332 7.48 7.48 -15.70
CA TYR C 332 6.10 7.30 -16.08
C TYR C 332 5.91 7.38 -17.60
N GLY C 333 7.00 7.18 -18.36
CA GLY C 333 6.93 7.26 -19.82
C GLY C 333 6.71 8.70 -20.29
N GLN C 334 5.99 8.86 -21.41
CA GLN C 334 5.82 10.10 -22.12
C GLN C 334 4.34 10.45 -22.18
N LEU C 335 4.02 11.71 -22.54
CA LEU C 335 2.65 12.18 -22.60
C LEU C 335 1.84 11.49 -23.73
#